data_6O78
#
_entry.id   6O78
#
_cell.length_a   154.184
_cell.length_b   154.184
_cell.length_c   182.474
_cell.angle_alpha   90.00
_cell.angle_beta   90.00
_cell.angle_gamma   120.00
#
_symmetry.space_group_name_H-M   'P 65 2 2'
#
loop_
_entity.id
_entity.type
_entity.pdbx_description
1 polymer 'CRISPR system single-strand-specific deoxyribonuclease Cas10/Csm1 (subtype III-A)'
2 polymer Csm4
3 polymer "RNA (5'-D(*(ATP))-R(P*AP*A)-3')"
4 non-polymer 'MANGANESE (II) ION'
#
loop_
_entity_poly.entity_id
_entity_poly.type
_entity_poly.pdbx_seq_one_letter_code
_entity_poly.pdbx_strand_id
1 'polypeptide(L)'
;MGSSHHHHHHSQDPMEIDELTALGGLLHDIGKPVQRAGLYSGDHSTQGARFLRDLAENTGRAEYELLSLFSEFHHKGHMK
NDELMIRRIKELSPERFGLTMEDVLNALWIVYEADNLASGEREEGQPQASRPLYSVFNPGKAYPWAELDFEKELPVPGDV
FSIRSQDYRELVKRLWEELSKAKLRSDRLLPVLEKYLTFVSSVTSEGNIISLYDHMRMTSAIALAMLRAGCTAEDVRSGR
CRKEKRFLLIEGDFSGIQDFIYRVSGKGTLKYLRARSAYLELIGWDVVLEILSRLGLTRANVVFNAGGHFMIIAQNTPDA
VKELEEIRAKAVEWLYREFESDLYLAIEWEPVSGREFGREGGKNLFAEARKRLKHKLTVRKLKRFGEIKGLFEHGHTERL
AECPVCGRELPEGKLEPSASDPETKVCPTCNRLVSLGGNLPKLLGFGRTAKNDAGVLVEGPFSGFVPYLQGGRPVGEQIL
VKNTLNPGEIPESAQFVPYFVADYFKKDPKGGVATFEELSMASTGTRRLGVMKGDVDRLGEFFSSMDSPSKLATASRFMD
YFFKGYIGAIIEGKFGYIIGDVPSLRDWPEEPDIVVVYAGGDAFFIVGAWDQIFELAFRVRRAFNAYTGGKLTLSVGLGY
FDERTPIYRMADVVSERLDTAKDEGRNRVFVVGRSRPLDGKHKLSYEWNHYEELWRTYAPRIYAGNGRLKGKLESKKGLL
WKLLEIRELYVRDPNDVRWAYLTAYLLGRHGLSDLFPELVGIDTKAVERKEPQPVYWVDGVLKIVLMAVRR
;
A
2 'polypeptide(L)'
;MPKFIAVKLIPKGPFRDIPRADTLFGAIGNAISAIHGQSAVEELVDAFVGGARISSAFPYSGDTYYLPKPLSVEPALEGI
LTGLDEEERYTTAKRLRKAKYLDLKNFELALRLRPFTIPEEIPYARVDVPRVVLDRVTQDSSIYFWEEIRFREKSGVYFL
YSGPREVFDGYIAPAMRFLGDTGIGGKSTWGAGLFEVEFHEMKIDAPGSEYSVTLSNALPTKTPVLWRLLRKGGWSFGRR
KPRMTFIAEGSIVKNDPGGMERLELGLSHEVYVYGLTFPLGVELPEGLE
;
B
3 'polyribonucleotide' (ATP)AA E
#
# COMPACT_ATOMS: atom_id res chain seq x y z
N MET A 15 -6.93 -34.47 -21.40
CA MET A 15 -6.32 -34.03 -20.10
C MET A 15 -4.80 -34.27 -20.14
N GLU A 16 -4.06 -33.50 -19.35
CA GLU A 16 -2.64 -33.75 -18.99
C GLU A 16 -2.55 -33.82 -17.46
N ILE A 17 -1.41 -34.27 -16.93
CA ILE A 17 -1.19 -34.46 -15.45
C ILE A 17 -1.26 -33.10 -14.75
N ASP A 18 -0.86 -32.02 -15.43
CA ASP A 18 -0.85 -30.63 -14.91
C ASP A 18 -2.29 -30.16 -14.66
N GLU A 19 -3.13 -30.14 -15.70
CA GLU A 19 -4.53 -29.65 -15.65
C GLU A 19 -5.36 -30.52 -14.69
N LEU A 20 -5.05 -31.81 -14.59
CA LEU A 20 -5.81 -32.80 -13.77
C LEU A 20 -5.65 -32.46 -12.28
N THR A 21 -4.40 -32.35 -11.80
CA THR A 21 -4.05 -32.03 -10.39
C THR A 21 -4.62 -30.66 -10.01
N ALA A 22 -4.60 -29.70 -10.94
CA ALA A 22 -5.12 -28.33 -10.76
C ALA A 22 -6.64 -28.39 -10.50
N LEU A 23 -7.39 -28.99 -11.43
CA LEU A 23 -8.86 -29.18 -11.34
C LEU A 23 -9.19 -30.14 -10.19
N GLY A 24 -8.29 -31.10 -9.92
CA GLY A 24 -8.43 -32.09 -8.84
C GLY A 24 -8.53 -31.44 -7.47
N GLY A 25 -7.47 -30.75 -7.03
CA GLY A 25 -7.41 -30.00 -5.76
C GLY A 25 -8.48 -28.92 -5.68
N LEU A 26 -8.98 -28.46 -6.83
CA LEU A 26 -10.01 -27.39 -6.93
C LEU A 26 -11.41 -27.99 -6.72
N LEU A 27 -11.52 -29.33 -6.68
CA LEU A 27 -12.81 -30.06 -6.51
C LEU A 27 -12.71 -31.18 -5.46
N HIS A 28 -11.59 -31.30 -4.73
CA HIS A 28 -11.43 -32.28 -3.62
C HIS A 28 -12.57 -32.10 -2.61
N ASP A 29 -13.04 -30.86 -2.41
CA ASP A 29 -14.05 -30.50 -1.39
C ASP A 29 -15.26 -29.81 -2.05
N ILE A 30 -15.67 -30.27 -3.24
CA ILE A 30 -16.97 -29.85 -3.86
C ILE A 30 -18.08 -30.80 -3.38
N GLY A 31 -17.74 -31.74 -2.49
CA GLY A 31 -18.70 -32.67 -1.86
C GLY A 31 -19.31 -32.12 -0.59
N LYS A 32 -18.78 -30.99 -0.09
CA LYS A 32 -19.23 -30.33 1.18
C LYS A 32 -20.54 -29.58 0.96
N PRO A 33 -20.74 -28.86 -0.18
CA PRO A 33 -22.01 -28.19 -0.46
C PRO A 33 -23.20 -29.14 -0.69
N VAL A 34 -22.94 -30.39 -1.10
CA VAL A 34 -24.00 -31.39 -1.46
C VAL A 34 -24.42 -32.19 -0.22
N GLN A 35 -23.47 -32.57 0.65
CA GLN A 35 -23.75 -33.23 1.95
C GLN A 35 -24.78 -32.39 2.73
N ARG A 36 -24.51 -31.09 2.86
CA ARG A 36 -25.30 -30.14 3.68
C ARG A 36 -26.61 -29.81 2.99
N ALA A 37 -26.69 -30.00 1.66
CA ALA A 37 -27.94 -29.97 0.86
C ALA A 37 -28.73 -31.27 1.09
N GLY A 38 -28.02 -32.37 1.38
CA GLY A 38 -28.61 -33.68 1.74
C GLY A 38 -29.24 -34.37 0.55
N LEU A 39 -28.54 -34.35 -0.58
CA LEU A 39 -29.05 -34.97 -1.82
C LEU A 39 -28.63 -36.44 -1.91
N TYR A 40 -27.34 -36.71 -1.74
CA TYR A 40 -26.86 -38.10 -1.91
C TYR A 40 -26.92 -38.87 -0.58
N SER A 41 -26.46 -40.12 -0.59
CA SER A 41 -26.63 -40.99 0.59
C SER A 41 -25.94 -40.44 1.84
N GLY A 42 -24.69 -39.99 1.79
CA GLY A 42 -24.14 -39.54 3.08
C GLY A 42 -22.89 -38.68 3.05
N ASP A 43 -21.75 -39.30 3.32
CA ASP A 43 -20.45 -38.61 3.51
C ASP A 43 -20.06 -37.77 2.30
N HIS A 44 -19.47 -36.59 2.56
CA HIS A 44 -19.07 -35.63 1.51
C HIS A 44 -18.05 -36.25 0.57
N SER A 45 -17.08 -37.02 1.08
CA SER A 45 -16.09 -37.64 0.18
C SER A 45 -16.88 -38.53 -0.78
N THR A 46 -17.81 -39.33 -0.23
CA THR A 46 -18.65 -40.19 -1.11
C THR A 46 -19.59 -39.31 -1.95
N GLN A 47 -20.30 -38.39 -1.29
CA GLN A 47 -21.39 -37.57 -1.90
C GLN A 47 -20.82 -36.65 -2.99
N GLY A 48 -19.55 -36.23 -2.85
CA GLY A 48 -18.84 -35.39 -3.83
C GLY A 48 -18.57 -36.12 -5.13
N ALA A 49 -18.25 -37.42 -5.05
CA ALA A 49 -18.02 -38.32 -6.21
C ALA A 49 -19.34 -38.56 -6.95
N ARG A 50 -20.43 -38.75 -6.20
CA ARG A 50 -21.79 -39.03 -6.76
C ARG A 50 -22.38 -37.76 -7.39
N PHE A 51 -21.74 -36.59 -7.22
CA PHE A 51 -22.14 -35.30 -7.85
C PHE A 51 -21.42 -35.14 -9.20
N LEU A 52 -20.10 -35.32 -9.21
CA LEU A 52 -19.24 -35.13 -10.41
C LEU A 52 -19.48 -36.26 -11.42
N ARG A 53 -19.50 -37.52 -10.95
CA ARG A 53 -19.81 -38.73 -11.75
C ARG A 53 -21.21 -38.58 -12.37
N ASP A 54 -22.16 -38.06 -11.59
CA ASP A 54 -23.55 -37.77 -12.03
C ASP A 54 -23.52 -36.65 -13.08
N LEU A 55 -22.75 -35.58 -12.82
CA LEU A 55 -22.61 -34.40 -13.72
C LEU A 55 -21.94 -34.83 -15.03
N ALA A 56 -20.91 -35.70 -14.94
CA ALA A 56 -20.17 -36.25 -16.11
C ALA A 56 -21.15 -36.85 -17.11
N GLU A 57 -22.09 -37.69 -16.63
CA GLU A 57 -23.07 -38.43 -17.45
C GLU A 57 -23.98 -37.45 -18.20
N ASN A 58 -24.54 -36.46 -17.50
CA ASN A 58 -25.40 -35.39 -18.09
C ASN A 58 -24.49 -34.44 -18.89
N THR A 59 -24.94 -34.01 -20.07
CA THR A 59 -24.15 -33.25 -21.09
C THR A 59 -23.13 -34.19 -21.75
N GLY A 60 -22.69 -35.22 -21.03
CA GLY A 60 -21.82 -36.29 -21.57
C GLY A 60 -20.38 -35.82 -21.71
N ARG A 61 -19.81 -35.30 -20.63
CA ARG A 61 -18.39 -34.84 -20.56
C ARG A 61 -17.62 -35.80 -19.65
N ALA A 62 -16.82 -36.68 -20.27
CA ALA A 62 -16.16 -37.85 -19.65
C ALA A 62 -15.22 -37.44 -18.52
N GLU A 63 -14.59 -36.27 -18.62
CA GLU A 63 -13.45 -35.83 -17.77
C GLU A 63 -13.91 -35.64 -16.31
N TYR A 64 -15.19 -35.32 -16.09
CA TYR A 64 -15.79 -35.06 -14.75
C TYR A 64 -15.74 -36.35 -13.90
N GLU A 65 -15.88 -37.52 -14.52
CA GLU A 65 -15.87 -38.83 -13.81
C GLU A 65 -14.44 -39.18 -13.38
N LEU A 66 -13.43 -38.60 -14.03
CA LEU A 66 -12.00 -38.76 -13.66
C LEU A 66 -11.66 -37.85 -12.47
N LEU A 67 -12.29 -36.67 -12.40
CA LEU A 67 -12.11 -35.66 -11.31
C LEU A 67 -12.89 -36.10 -10.06
N SER A 68 -13.88 -36.98 -10.21
CA SER A 68 -14.79 -37.47 -9.13
C SER A 68 -14.01 -38.30 -8.10
N LEU A 69 -12.86 -38.86 -8.49
CA LEU A 69 -12.04 -39.78 -7.66
C LEU A 69 -11.37 -39.01 -6.52
N PHE A 70 -11.16 -37.70 -6.69
CA PHE A 70 -10.38 -36.82 -5.77
C PHE A 70 -11.10 -36.67 -4.42
N SER A 71 -12.43 -36.62 -4.43
CA SER A 71 -13.29 -36.49 -3.22
C SER A 71 -13.05 -37.67 -2.26
N GLU A 72 -12.72 -38.85 -2.80
CA GLU A 72 -12.38 -40.07 -2.01
C GLU A 72 -10.87 -40.08 -1.72
N ASN A 81 -6.29 -49.68 1.65
CA ASN A 81 -4.89 -50.03 1.31
C ASN A 81 -4.68 -49.93 -0.21
N ASP A 82 -5.22 -48.87 -0.85
CA ASP A 82 -5.07 -48.55 -2.30
C ASP A 82 -5.71 -49.66 -3.15
N GLU A 83 -6.52 -50.54 -2.57
CA GLU A 83 -7.06 -51.76 -3.25
C GLU A 83 -8.17 -51.35 -4.23
N LEU A 84 -9.28 -50.81 -3.70
CA LEU A 84 -10.50 -50.47 -4.47
C LEU A 84 -10.22 -49.29 -5.41
N MET A 85 -9.30 -48.39 -5.04
CA MET A 85 -8.97 -47.15 -5.79
C MET A 85 -8.30 -47.51 -7.13
N ILE A 86 -7.19 -48.27 -7.09
CA ILE A 86 -6.42 -48.70 -8.30
C ILE A 86 -7.41 -49.34 -9.30
N ARG A 87 -8.38 -50.11 -8.80
CA ARG A 87 -9.41 -50.81 -9.61
C ARG A 87 -10.42 -49.79 -10.18
N ARG A 88 -10.85 -48.82 -9.37
CA ARG A 88 -11.82 -47.75 -9.78
C ARG A 88 -11.17 -46.82 -10.80
N ILE A 89 -9.84 -46.62 -10.73
CA ILE A 89 -9.05 -45.88 -11.76
C ILE A 89 -8.92 -46.75 -13.01
N LYS A 90 -8.59 -48.03 -12.84
CA LYS A 90 -8.41 -49.01 -13.94
C LYS A 90 -9.72 -49.15 -14.71
N GLU A 91 -10.86 -49.17 -14.01
CA GLU A 91 -12.23 -49.15 -14.60
C GLU A 91 -12.30 -48.02 -15.64
N LEU A 92 -11.90 -46.82 -15.24
CA LEU A 92 -11.81 -45.61 -16.12
C LEU A 92 -10.57 -45.73 -17.00
N SER A 93 -10.69 -45.37 -18.28
CA SER A 93 -9.60 -45.37 -19.28
C SER A 93 -8.64 -44.21 -19.02
N PRO A 94 -7.38 -44.47 -18.59
CA PRO A 94 -6.38 -43.41 -18.46
C PRO A 94 -5.84 -42.99 -19.83
N GLU A 95 -5.98 -43.86 -20.84
CA GLU A 95 -5.48 -43.65 -22.24
C GLU A 95 -6.47 -42.78 -23.03
N ARG A 96 -7.77 -43.03 -22.88
CA ARG A 96 -8.89 -42.25 -23.49
C ARG A 96 -8.55 -40.75 -23.45
N PHE A 97 -7.98 -40.29 -22.32
CA PHE A 97 -7.62 -38.87 -22.05
C PHE A 97 -6.16 -38.60 -22.42
N GLY A 98 -5.28 -39.57 -22.18
CA GLY A 98 -3.84 -39.50 -22.51
C GLY A 98 -2.98 -39.40 -21.26
N LEU A 99 -3.29 -40.20 -20.24
CA LEU A 99 -2.60 -40.22 -18.93
C LEU A 99 -2.16 -41.65 -18.60
N THR A 100 -1.19 -41.80 -17.69
CA THR A 100 -0.77 -43.10 -17.10
C THR A 100 -1.69 -43.41 -15.91
N MET A 101 -1.75 -44.67 -15.47
CA MET A 101 -2.46 -45.08 -14.23
C MET A 101 -1.64 -44.64 -13.02
N GLU A 102 -0.32 -44.87 -13.06
CA GLU A 102 0.67 -44.44 -12.04
C GLU A 102 0.58 -42.92 -11.83
N ASP A 103 0.32 -42.17 -12.91
CA ASP A 103 0.14 -40.69 -12.91
C ASP A 103 -1.02 -40.29 -12.00
N VAL A 104 -2.18 -40.94 -12.17
CA VAL A 104 -3.47 -40.56 -11.51
C VAL A 104 -3.38 -40.88 -10.01
N LEU A 105 -2.61 -41.91 -9.62
CA LEU A 105 -2.35 -42.26 -8.19
C LEU A 105 -1.60 -41.12 -7.50
N ASN A 106 -0.62 -40.52 -8.19
CA ASN A 106 0.19 -39.39 -7.69
C ASN A 106 -0.70 -38.16 -7.53
N ALA A 107 -1.51 -37.84 -8.55
CA ALA A 107 -2.47 -36.72 -8.56
C ALA A 107 -3.33 -36.78 -7.28
N LEU A 108 -3.93 -37.95 -7.00
CA LEU A 108 -4.84 -38.17 -5.85
C LEU A 108 -4.08 -38.00 -4.53
N TRP A 109 -2.87 -38.56 -4.42
CA TRP A 109 -2.01 -38.47 -3.22
C TRP A 109 -1.48 -37.05 -3.05
N ILE A 110 -1.14 -36.37 -4.15
CA ILE A 110 -0.70 -34.94 -4.18
C ILE A 110 -1.85 -34.07 -3.68
N VAL A 111 -3.04 -34.21 -4.29
CA VAL A 111 -4.26 -33.41 -3.96
C VAL A 111 -4.68 -33.71 -2.52
N TYR A 112 -4.54 -34.97 -2.06
CA TYR A 112 -4.87 -35.40 -0.67
C TYR A 112 -4.07 -34.57 0.34
N GLU A 113 -2.74 -34.51 0.15
CA GLU A 113 -1.79 -33.82 1.07
C GLU A 113 -2.04 -32.31 1.01
N ALA A 114 -2.23 -31.76 -0.20
CA ALA A 114 -2.52 -30.32 -0.45
C ALA A 114 -3.67 -29.86 0.44
N ASP A 115 -4.72 -30.68 0.56
CA ASP A 115 -5.93 -30.42 1.40
C ASP A 115 -5.49 -30.20 2.85
N ASN A 116 -4.49 -30.96 3.32
CA ASN A 116 -3.93 -30.89 4.69
C ASN A 116 -3.14 -29.59 4.86
N LEU A 117 -2.42 -29.18 3.82
CA LEU A 117 -1.41 -28.07 3.86
C LEU A 117 -2.11 -26.71 3.82
N ALA A 118 -3.30 -26.61 3.21
CA ALA A 118 -4.09 -25.37 3.06
C ALA A 118 -4.95 -25.12 4.30
N SER A 119 -5.11 -26.12 5.17
CA SER A 119 -5.97 -26.07 6.39
C SER A 119 -5.36 -25.12 7.42
N PRO A 127 -18.95 -29.50 14.81
CA PRO A 127 -19.40 -29.74 13.43
C PRO A 127 -20.91 -30.00 13.32
N GLN A 128 -21.63 -29.15 12.57
CA GLN A 128 -23.07 -29.27 12.24
C GLN A 128 -23.30 -28.79 10.80
N ALA A 129 -24.35 -29.28 10.13
CA ALA A 129 -24.60 -29.08 8.68
C ALA A 129 -25.48 -27.84 8.44
N SER A 130 -25.33 -26.79 9.26
CA SER A 130 -26.04 -25.49 9.10
C SER A 130 -25.17 -24.31 9.57
N ARG A 131 -24.03 -24.56 10.24
CA ARG A 131 -23.14 -23.52 10.82
C ARG A 131 -22.58 -22.66 9.69
N PRO A 132 -22.76 -21.31 9.73
CA PRO A 132 -22.32 -20.45 8.64
C PRO A 132 -20.83 -20.09 8.70
N LEU A 133 -20.37 -19.30 7.72
CA LEU A 133 -18.98 -18.79 7.64
C LEU A 133 -18.80 -17.66 8.65
N TYR A 134 -17.99 -17.90 9.70
CA TYR A 134 -17.62 -16.88 10.72
C TYR A 134 -16.60 -15.92 10.09
N SER A 135 -16.84 -14.62 10.22
CA SER A 135 -16.06 -13.53 9.58
C SER A 135 -14.60 -13.59 10.03
N VAL A 136 -13.66 -13.56 9.07
CA VAL A 136 -12.19 -13.45 9.30
C VAL A 136 -11.90 -12.23 10.17
N PHE A 137 -12.67 -11.15 9.98
CA PHE A 137 -12.52 -9.86 10.70
C PHE A 137 -12.99 -10.04 12.15
N ASN A 138 -14.08 -10.78 12.36
CA ASN A 138 -14.67 -11.04 13.71
C ASN A 138 -15.17 -12.49 13.76
N PRO A 139 -14.35 -13.44 14.26
CA PRO A 139 -14.77 -14.83 14.40
C PRO A 139 -16.00 -15.06 15.30
N GLY A 140 -16.38 -14.08 16.12
CA GLY A 140 -17.59 -14.11 16.96
C GLY A 140 -18.85 -13.95 16.12
N LYS A 141 -18.81 -13.08 15.12
CA LYS A 141 -19.92 -12.82 14.15
C LYS A 141 -19.73 -13.74 12.93
N ALA A 142 -20.70 -13.77 12.02
CA ALA A 142 -20.74 -14.70 10.86
C ALA A 142 -21.60 -14.14 9.73
N TYR A 143 -21.43 -14.68 8.52
CA TYR A 143 -21.98 -14.15 7.25
C TYR A 143 -23.32 -14.82 6.94
N PRO A 144 -24.35 -14.04 6.54
CA PRO A 144 -25.59 -14.61 6.01
C PRO A 144 -25.33 -15.17 4.61
N TRP A 145 -25.85 -16.37 4.31
CA TRP A 145 -25.67 -17.02 2.98
C TRP A 145 -26.20 -16.09 1.88
N ALA A 146 -25.32 -15.68 0.97
CA ALA A 146 -25.63 -14.97 -0.29
C ALA A 146 -24.45 -15.17 -1.26
N GLU A 147 -24.70 -15.07 -2.56
CA GLU A 147 -23.66 -15.27 -3.62
C GLU A 147 -23.00 -13.91 -3.92
N LEU A 148 -21.69 -13.91 -4.20
CA LEU A 148 -20.86 -12.69 -4.39
C LEU A 148 -21.48 -11.81 -5.47
N ASP A 149 -21.95 -10.63 -5.08
CA ASP A 149 -22.47 -9.65 -6.04
C ASP A 149 -22.19 -8.26 -5.48
N PHE A 150 -21.32 -7.48 -6.15
CA PHE A 150 -21.02 -6.10 -5.68
C PHE A 150 -22.27 -5.23 -5.84
N GLU A 151 -23.02 -5.47 -6.91
CA GLU A 151 -24.22 -4.65 -7.22
C GLU A 151 -25.26 -4.74 -6.12
N LYS A 152 -25.35 -5.88 -5.45
CA LYS A 152 -26.40 -5.97 -4.41
C LYS A 152 -25.84 -6.35 -3.05
N GLU A 153 -26.16 -5.52 -2.07
CA GLU A 153 -25.92 -5.74 -0.62
C GLU A 153 -24.43 -5.63 -0.21
N LEU A 154 -24.21 -5.35 1.07
CA LEU A 154 -22.84 -5.20 1.59
C LEU A 154 -22.63 -6.30 2.63
N PRO A 155 -21.63 -7.18 2.49
CA PRO A 155 -21.41 -8.22 3.48
C PRO A 155 -21.16 -7.62 4.88
N VAL A 156 -22.07 -7.87 5.82
CA VAL A 156 -21.87 -7.36 7.21
C VAL A 156 -21.91 -8.56 8.14
N PRO A 157 -20.84 -8.91 8.87
CA PRO A 157 -20.91 -10.02 9.80
C PRO A 157 -21.99 -9.70 10.83
N GLY A 158 -22.96 -10.61 10.99
CA GLY A 158 -24.11 -10.43 11.90
C GLY A 158 -24.28 -11.61 12.83
N ASP A 159 -25.52 -11.89 13.21
CA ASP A 159 -25.85 -13.02 14.13
C ASP A 159 -25.68 -14.37 13.44
N VAL A 160 -25.30 -15.37 14.22
CA VAL A 160 -25.02 -16.78 13.78
C VAL A 160 -26.35 -17.45 13.43
N PHE A 161 -26.93 -17.10 12.27
CA PHE A 161 -28.16 -17.71 11.71
C PHE A 161 -27.79 -19.01 10.99
N SER A 162 -28.34 -20.14 11.46
CA SER A 162 -28.14 -21.50 10.88
C SER A 162 -28.69 -21.53 9.45
N ILE A 163 -27.86 -21.93 8.49
CA ILE A 163 -28.21 -21.95 7.03
C ILE A 163 -29.12 -23.17 6.80
N ARG A 164 -30.28 -22.95 6.16
CA ARG A 164 -31.25 -24.01 5.80
C ARG A 164 -30.56 -25.02 4.86
N SER A 165 -30.96 -26.29 4.92
CA SER A 165 -30.60 -27.34 3.93
C SER A 165 -31.33 -27.04 2.60
N GLN A 166 -32.45 -26.31 2.67
CA GLN A 166 -33.21 -25.78 1.51
C GLN A 166 -32.32 -24.84 0.68
N ASP A 167 -31.56 -23.97 1.35
CA ASP A 167 -30.69 -22.93 0.72
C ASP A 167 -29.58 -23.61 -0.10
N TYR A 168 -28.85 -24.54 0.54
CA TYR A 168 -27.70 -25.28 -0.07
C TYR A 168 -28.15 -26.04 -1.32
N ARG A 169 -29.41 -26.49 -1.38
CA ARG A 169 -29.99 -27.20 -2.55
C ARG A 169 -30.07 -26.25 -3.76
N GLU A 170 -30.66 -25.07 -3.58
CA GLU A 170 -30.80 -24.03 -4.64
C GLU A 170 -29.40 -23.61 -5.13
N LEU A 171 -28.45 -23.47 -4.20
CA LEU A 171 -27.02 -23.17 -4.50
C LEU A 171 -26.46 -24.25 -5.44
N VAL A 172 -26.51 -25.51 -5.01
CA VAL A 172 -25.98 -26.70 -5.73
C VAL A 172 -26.63 -26.80 -7.12
N LYS A 173 -27.89 -26.36 -7.25
CA LYS A 173 -28.66 -26.38 -8.53
C LYS A 173 -28.13 -25.29 -9.46
N ARG A 174 -27.72 -24.13 -8.93
CA ARG A 174 -27.08 -23.03 -9.70
C ARG A 174 -25.66 -23.45 -10.07
N LEU A 175 -24.93 -24.06 -9.13
CA LEU A 175 -23.56 -24.60 -9.31
C LEU A 175 -23.58 -25.65 -10.44
N TRP A 176 -24.54 -26.58 -10.40
CA TRP A 176 -24.76 -27.66 -11.40
C TRP A 176 -24.85 -27.06 -12.81
N GLU A 177 -25.76 -26.09 -13.01
CA GLU A 177 -26.09 -25.49 -14.33
C GLU A 177 -24.86 -24.78 -14.92
N GLU A 178 -24.10 -24.07 -14.08
CA GLU A 178 -22.92 -23.25 -14.48
C GLU A 178 -21.76 -24.18 -14.86
N LEU A 179 -21.47 -25.19 -14.03
CA LEU A 179 -20.40 -26.19 -14.24
C LEU A 179 -20.64 -26.95 -15.55
N SER A 180 -21.90 -27.15 -15.93
CA SER A 180 -22.33 -27.86 -17.17
C SER A 180 -21.84 -27.09 -18.42
N LYS A 181 -21.92 -25.76 -18.39
CA LYS A 181 -21.62 -24.87 -19.55
C LYS A 181 -20.19 -24.32 -19.45
N ALA A 182 -19.48 -24.61 -18.35
CA ALA A 182 -18.07 -24.22 -18.11
C ALA A 182 -17.14 -25.13 -18.92
N LYS A 183 -16.01 -24.59 -19.39
CA LYS A 183 -15.13 -25.22 -20.41
C LYS A 183 -13.98 -26.02 -19.77
N LEU A 184 -14.13 -26.42 -18.50
CA LEU A 184 -13.28 -27.43 -17.81
C LEU A 184 -11.79 -27.09 -17.90
N ARG A 185 -11.46 -25.79 -17.92
CA ARG A 185 -10.12 -25.24 -17.56
C ARG A 185 -10.25 -24.51 -16.23
N SER A 186 -9.17 -24.44 -15.45
CA SER A 186 -9.13 -23.79 -14.12
C SER A 186 -9.58 -22.32 -14.22
N ASP A 187 -9.32 -21.67 -15.36
CA ASP A 187 -9.62 -20.24 -15.60
C ASP A 187 -11.14 -20.02 -15.78
N ARG A 188 -11.88 -21.03 -16.22
CA ARG A 188 -13.37 -20.97 -16.39
C ARG A 188 -14.07 -21.60 -15.18
N LEU A 189 -13.36 -22.39 -14.37
CA LEU A 189 -13.92 -23.12 -13.20
C LEU A 189 -13.77 -22.28 -11.92
N LEU A 190 -12.71 -21.47 -11.81
CA LEU A 190 -12.46 -20.57 -10.66
C LEU A 190 -13.58 -19.54 -10.55
N PRO A 191 -13.99 -18.87 -11.65
CA PRO A 191 -15.03 -17.83 -11.58
C PRO A 191 -16.39 -18.30 -11.03
N VAL A 192 -16.79 -19.54 -11.34
CA VAL A 192 -18.10 -20.12 -10.88
C VAL A 192 -17.97 -20.50 -9.40
N LEU A 193 -16.85 -21.12 -8.99
CA LEU A 193 -16.59 -21.53 -7.59
C LEU A 193 -16.53 -20.29 -6.68
N GLU A 194 -16.06 -19.16 -7.20
CA GLU A 194 -15.95 -17.88 -6.44
C GLU A 194 -17.34 -17.25 -6.30
N LYS A 195 -18.12 -17.20 -7.39
CA LYS A 195 -19.50 -16.64 -7.42
C LYS A 195 -20.34 -17.22 -6.27
N TYR A 196 -20.27 -18.54 -6.07
CA TYR A 196 -21.27 -19.33 -5.31
C TYR A 196 -20.72 -19.78 -3.94
N LEU A 197 -19.48 -20.30 -3.89
CA LEU A 197 -18.93 -20.96 -2.67
C LEU A 197 -17.98 -20.03 -1.92
N THR A 198 -18.16 -18.70 -2.02
CA THR A 198 -17.30 -17.70 -1.34
C THR A 198 -17.80 -17.48 0.09
N PHE A 199 -19.13 -17.46 0.29
CA PHE A 199 -19.79 -17.27 1.60
C PHE A 199 -20.29 -18.62 2.11
N VAL A 200 -19.37 -19.59 2.22
CA VAL A 200 -19.64 -21.01 2.62
C VAL A 200 -18.46 -21.49 3.48
N SER A 201 -18.74 -21.97 4.69
CA SER A 201 -17.73 -22.46 5.67
C SER A 201 -17.04 -23.70 5.10
N SER A 202 -15.70 -23.67 5.00
CA SER A 202 -14.86 -24.82 4.53
C SER A 202 -15.06 -26.00 5.48
N VAL A 203 -15.07 -25.73 6.79
CA VAL A 203 -15.51 -26.66 7.87
C VAL A 203 -16.55 -25.92 8.72
N THR A 204 -17.55 -26.63 9.25
CA THR A 204 -18.73 -26.05 9.95
C THR A 204 -18.51 -26.09 11.47
N SER A 205 -17.29 -25.76 11.93
CA SER A 205 -16.95 -25.61 13.37
C SER A 205 -17.29 -24.19 13.84
N GLU A 206 -17.21 -23.93 15.15
CA GLU A 206 -17.43 -22.60 15.75
C GLU A 206 -16.18 -21.74 15.55
N GLY A 207 -16.37 -20.49 15.09
CA GLY A 207 -15.29 -19.53 14.80
C GLY A 207 -14.42 -19.97 13.63
N ASN A 208 -15.00 -20.68 12.66
CA ASN A 208 -14.31 -21.09 11.41
C ASN A 208 -14.24 -19.90 10.45
N ILE A 209 -13.03 -19.51 10.08
CA ILE A 209 -12.68 -18.21 9.41
C ILE A 209 -12.68 -18.39 7.89
N ILE A 210 -12.22 -19.55 7.40
CA ILE A 210 -11.83 -19.80 5.99
C ILE A 210 -13.10 -19.99 5.13
N SER A 211 -13.19 -19.26 4.01
CA SER A 211 -14.17 -19.48 2.92
C SER A 211 -13.80 -20.74 2.14
N LEU A 212 -14.78 -21.48 1.63
CA LEU A 212 -14.58 -22.75 0.89
C LEU A 212 -13.73 -22.47 -0.36
N TYR A 213 -14.15 -21.50 -1.19
CA TYR A 213 -13.48 -21.10 -2.46
C TYR A 213 -11.98 -20.90 -2.26
N ASP A 214 -11.61 -20.18 -1.20
CA ASP A 214 -10.20 -19.85 -0.86
C ASP A 214 -9.45 -21.16 -0.56
N HIS A 215 -10.02 -22.02 0.28
CA HIS A 215 -9.46 -23.34 0.65
C HIS A 215 -9.33 -24.23 -0.60
N MET A 216 -10.26 -24.08 -1.55
CA MET A 216 -10.27 -24.87 -2.82
C MET A 216 -9.19 -24.34 -3.77
N ARG A 217 -9.04 -23.01 -3.89
CA ARG A 217 -8.06 -22.37 -4.80
C ARG A 217 -6.64 -22.55 -4.24
N MET A 218 -6.49 -22.58 -2.91
CA MET A 218 -5.17 -22.72 -2.23
C MET A 218 -4.66 -24.15 -2.34
N THR A 219 -5.55 -25.15 -2.35
CA THR A 219 -5.21 -26.59 -2.49
C THR A 219 -4.79 -26.86 -3.95
N SER A 220 -5.54 -26.33 -4.92
CA SER A 220 -5.22 -26.35 -6.37
C SER A 220 -3.83 -25.74 -6.61
N ALA A 221 -3.45 -24.75 -5.79
CA ALA A 221 -2.15 -24.04 -5.85
C ALA A 221 -1.04 -24.94 -5.28
N ILE A 222 -1.20 -25.38 -4.01
CA ILE A 222 -0.18 -26.19 -3.27
C ILE A 222 -0.02 -27.54 -3.98
N ALA A 223 -1.11 -28.14 -4.47
CA ALA A 223 -1.11 -29.44 -5.18
C ALA A 223 -0.26 -29.34 -6.45
N LEU A 224 -0.59 -28.41 -7.34
CA LEU A 224 0.12 -28.18 -8.63
C LEU A 224 1.59 -27.85 -8.36
N ALA A 225 1.87 -27.12 -7.27
CA ALA A 225 3.24 -26.77 -6.81
C ALA A 225 4.06 -28.05 -6.57
N MET A 226 3.44 -29.07 -5.95
CA MET A 226 4.09 -30.36 -5.58
C MET A 226 4.38 -31.18 -6.85
N LEU A 227 3.45 -31.17 -7.82
CA LEU A 227 3.59 -31.88 -9.12
C LEU A 227 4.79 -31.32 -9.87
N ARG A 228 4.82 -29.99 -10.06
CA ARG A 228 5.90 -29.24 -10.76
C ARG A 228 7.23 -29.46 -10.02
N ALA A 229 7.20 -29.45 -8.69
CA ALA A 229 8.35 -29.69 -7.79
C ALA A 229 8.94 -31.09 -8.08
N GLY A 230 8.12 -31.98 -8.66
CA GLY A 230 8.54 -33.30 -9.16
C GLY A 230 8.25 -34.41 -8.15
N CYS A 231 7.97 -34.05 -6.89
CA CYS A 231 7.82 -35.00 -5.76
C CYS A 231 6.56 -35.85 -5.95
N THR A 232 6.68 -37.16 -5.71
CA THR A 232 5.68 -38.20 -6.07
C THR A 232 5.85 -39.44 -5.20
N ALA A 233 4.74 -40.11 -4.85
CA ALA A 233 4.69 -41.35 -4.02
C ALA A 233 5.27 -41.05 -2.64
N GLU A 234 4.85 -39.93 -2.02
CA GLU A 234 5.35 -39.44 -0.71
C GLU A 234 4.17 -39.30 0.26
N ASP A 235 4.18 -40.09 1.35
CA ASP A 235 3.14 -40.08 2.41
C ASP A 235 3.74 -40.61 3.72
N GLY A 239 6.74 -37.94 3.67
CA GLY A 239 6.92 -36.49 3.91
C GLY A 239 8.14 -35.94 3.19
N ARG A 240 8.26 -36.21 1.89
CA ARG A 240 9.33 -35.68 1.00
C ARG A 240 8.89 -34.34 0.40
N CYS A 241 7.57 -34.08 0.37
CA CYS A 241 6.97 -32.80 -0.06
C CYS A 241 6.57 -31.97 1.15
N ARG A 242 6.50 -32.58 2.34
CA ARG A 242 5.98 -31.96 3.59
C ARG A 242 7.13 -31.37 4.41
N LYS A 243 8.17 -32.17 4.66
CA LYS A 243 9.31 -31.80 5.56
C LYS A 243 10.52 -31.31 4.74
N GLU A 244 10.45 -31.43 3.41
CA GLU A 244 11.51 -30.99 2.46
C GLU A 244 11.06 -29.70 1.77
N LYS A 245 11.97 -28.73 1.61
CA LYS A 245 11.67 -27.37 1.09
C LYS A 245 11.48 -27.43 -0.43
N ARG A 246 10.27 -27.81 -0.87
CA ARG A 246 9.89 -28.02 -2.28
C ARG A 246 8.92 -26.95 -2.76
N PHE A 247 8.65 -25.93 -1.93
CA PHE A 247 7.72 -24.80 -2.25
C PHE A 247 8.50 -23.47 -2.26
N LEU A 248 8.03 -22.51 -3.06
CA LEU A 248 8.52 -21.11 -3.11
C LEU A 248 7.37 -20.15 -2.77
N LEU A 249 7.53 -19.36 -1.72
CA LEU A 249 6.74 -18.11 -1.50
C LEU A 249 7.35 -17.00 -2.35
N ILE A 250 6.75 -16.69 -3.50
CA ILE A 250 7.15 -15.55 -4.38
C ILE A 250 6.30 -14.34 -3.99
N GLU A 251 6.94 -13.24 -3.58
CA GLU A 251 6.27 -11.96 -3.22
C GLU A 251 6.90 -10.82 -4.04
N GLY A 252 6.08 -10.10 -4.80
CA GLY A 252 6.48 -8.92 -5.59
C GLY A 252 5.75 -7.68 -5.14
N ASP A 253 6.47 -6.66 -4.65
CA ASP A 253 5.92 -5.34 -4.25
C ASP A 253 6.54 -4.25 -5.14
N PHE A 254 5.69 -3.42 -5.75
CA PHE A 254 6.08 -2.17 -6.43
C PHE A 254 6.52 -1.15 -5.38
N SER A 255 7.55 -0.36 -5.66
CA SER A 255 8.02 0.78 -4.81
C SER A 255 8.20 2.03 -5.69
N GLY A 256 7.86 3.19 -5.13
CA GLY A 256 7.82 4.49 -5.84
C GLY A 256 6.50 4.69 -6.58
N ILE A 257 5.45 3.98 -6.17
CA ILE A 257 4.07 4.07 -6.73
C ILE A 257 3.58 5.52 -6.60
N GLN A 258 3.63 6.05 -5.38
CA GLN A 258 3.25 7.45 -5.02
C GLN A 258 3.89 8.43 -6.00
N ASP A 259 5.22 8.36 -6.18
CA ASP A 259 5.99 9.22 -7.11
C ASP A 259 5.49 9.02 -8.54
N PHE A 260 5.45 7.77 -8.99
CA PHE A 260 5.09 7.35 -10.37
C PHE A 260 3.73 7.92 -10.79
N ILE A 261 2.83 8.05 -9.82
CA ILE A 261 1.44 8.49 -10.07
C ILE A 261 1.25 9.96 -9.69
N TYR A 262 1.63 10.34 -8.47
CA TYR A 262 1.37 11.72 -8.00
C TYR A 262 2.60 12.62 -8.12
N ARG A 263 3.22 12.66 -9.29
CA ARG A 263 4.39 13.55 -9.53
C ARG A 263 4.51 13.68 -11.04
N VAL A 264 3.92 14.74 -11.60
CA VAL A 264 3.90 14.87 -13.08
C VAL A 264 4.33 16.27 -13.52
N SER A 265 3.86 16.65 -14.71
CA SER A 265 4.16 17.95 -15.39
C SER A 265 4.55 19.01 -14.35
N THR A 269 -3.68 16.79 -14.91
CA THR A 269 -5.17 16.60 -14.98
C THR A 269 -5.56 15.31 -14.24
N LEU A 270 -6.86 15.10 -14.04
CA LEU A 270 -7.43 13.96 -13.27
C LEU A 270 -7.60 12.73 -14.19
N LYS A 271 -7.91 12.96 -15.48
CA LYS A 271 -8.04 11.90 -16.53
C LYS A 271 -6.72 11.11 -16.62
N TYR A 272 -5.60 11.83 -16.69
CA TYR A 272 -4.22 11.29 -16.84
C TYR A 272 -3.84 10.52 -15.57
N LEU A 273 -3.98 11.18 -14.43
CA LEU A 273 -3.82 10.64 -13.05
C LEU A 273 -4.51 9.26 -12.96
N ARG A 274 -5.74 9.16 -13.48
CA ARG A 274 -6.54 7.91 -13.55
C ARG A 274 -5.86 6.89 -14.47
N ALA A 275 -5.38 7.34 -15.65
CA ALA A 275 -4.74 6.50 -16.68
C ALA A 275 -3.45 5.86 -16.14
N ARG A 276 -2.71 6.58 -15.29
CA ARG A 276 -1.44 6.10 -14.67
C ARG A 276 -1.75 4.96 -13.69
N SER A 277 -2.82 5.10 -12.90
CA SER A 277 -3.29 4.10 -11.92
C SER A 277 -3.70 2.81 -12.64
N ALA A 278 -4.50 2.94 -13.71
CA ALA A 278 -4.96 1.83 -14.57
C ALA A 278 -3.76 1.11 -15.19
N TYR A 279 -2.73 1.86 -15.60
CA TYR A 279 -1.54 1.37 -16.33
C TYR A 279 -0.65 0.56 -15.37
N LEU A 280 -0.53 1.00 -14.11
CA LEU A 280 0.23 0.28 -13.05
C LEU A 280 -0.45 -1.06 -12.75
N GLU A 281 -1.78 -1.12 -12.87
CA GLU A 281 -2.58 -2.36 -12.71
C GLU A 281 -2.18 -3.38 -13.78
N LEU A 282 -2.18 -2.96 -15.05
CA LEU A 282 -1.90 -3.82 -16.25
C LEU A 282 -0.44 -4.29 -16.21
N ILE A 283 0.49 -3.42 -15.81
CA ILE A 283 1.94 -3.73 -15.65
C ILE A 283 2.08 -4.85 -14.60
N GLY A 284 1.38 -4.71 -13.46
CA GLY A 284 1.34 -5.71 -12.38
C GLY A 284 0.86 -7.06 -12.88
N TRP A 285 -0.28 -7.09 -13.56
CA TRP A 285 -0.89 -8.31 -14.16
C TRP A 285 0.09 -8.94 -15.15
N ASP A 286 0.74 -8.13 -15.99
CA ASP A 286 1.69 -8.59 -17.03
C ASP A 286 2.81 -9.42 -16.38
N VAL A 287 3.34 -8.95 -15.24
CA VAL A 287 4.47 -9.61 -14.52
C VAL A 287 3.95 -10.89 -13.85
N VAL A 288 2.77 -10.83 -13.20
CA VAL A 288 2.16 -11.98 -12.49
C VAL A 288 1.86 -13.09 -13.51
N LEU A 289 1.17 -12.74 -14.61
CA LEU A 289 0.71 -13.71 -15.66
C LEU A 289 1.93 -14.37 -16.34
N GLU A 290 3.05 -13.64 -16.47
CA GLU A 290 4.31 -14.17 -17.06
C GLU A 290 4.93 -15.20 -16.12
N ILE A 291 4.88 -14.95 -14.80
CA ILE A 291 5.37 -15.89 -13.75
C ILE A 291 4.50 -17.16 -13.80
N LEU A 292 3.19 -17.01 -13.93
CA LEU A 292 2.22 -18.13 -14.05
C LEU A 292 2.49 -18.92 -15.34
N SER A 293 2.70 -18.21 -16.45
CA SER A 293 2.95 -18.80 -17.80
C SER A 293 4.20 -19.67 -17.78
N ARG A 294 5.34 -19.12 -17.33
CA ARG A 294 6.68 -19.74 -17.48
C ARG A 294 6.90 -20.85 -16.42
N LEU A 295 6.22 -20.77 -15.27
CA LEU A 295 6.29 -21.82 -14.20
C LEU A 295 5.19 -22.88 -14.43
N GLY A 296 4.32 -22.66 -15.42
CA GLY A 296 3.24 -23.59 -15.79
C GLY A 296 2.16 -23.69 -14.72
N LEU A 297 2.01 -22.64 -13.91
CA LEU A 297 1.02 -22.56 -12.80
C LEU A 297 -0.30 -22.00 -13.35
N THR A 298 -1.28 -21.76 -12.46
CA THR A 298 -2.62 -21.20 -12.74
C THR A 298 -2.90 -20.05 -11.77
N ARG A 299 -3.96 -19.28 -12.04
CA ARG A 299 -4.37 -18.08 -11.25
C ARG A 299 -4.65 -18.48 -9.79
N ALA A 300 -5.02 -19.74 -9.55
CA ALA A 300 -5.19 -20.35 -8.20
C ALA A 300 -3.92 -20.12 -7.35
N ASN A 301 -2.75 -20.11 -7.99
CA ASN A 301 -1.43 -19.99 -7.33
C ASN A 301 -1.20 -18.54 -6.85
N VAL A 302 -1.96 -17.58 -7.37
CA VAL A 302 -1.93 -16.14 -6.91
C VAL A 302 -2.72 -16.07 -5.60
N VAL A 303 -2.01 -15.92 -4.48
CA VAL A 303 -2.61 -15.81 -3.11
C VAL A 303 -3.32 -14.45 -3.01
N PHE A 304 -2.73 -13.41 -3.60
CA PHE A 304 -3.34 -12.08 -3.78
C PHE A 304 -2.54 -11.26 -4.80
N ASN A 305 -3.21 -10.28 -5.44
CA ASN A 305 -2.59 -9.20 -6.25
C ASN A 305 -3.41 -7.92 -6.03
N ALA A 306 -2.97 -7.07 -5.10
CA ALA A 306 -3.70 -5.86 -4.67
C ALA A 306 -2.72 -4.83 -4.07
N GLY A 307 -2.98 -3.54 -4.32
CA GLY A 307 -2.16 -2.41 -3.84
C GLY A 307 -0.73 -2.47 -4.36
N GLY A 308 -0.54 -2.97 -5.59
CA GLY A 308 0.78 -3.18 -6.21
C GLY A 308 1.65 -4.13 -5.41
N HIS A 309 1.03 -5.14 -4.79
CA HIS A 309 1.68 -6.16 -3.94
C HIS A 309 1.03 -7.52 -4.26
N PHE A 310 1.82 -8.47 -4.78
CA PHE A 310 1.33 -9.81 -5.22
C PHE A 310 2.13 -10.91 -4.53
N MET A 311 1.47 -12.05 -4.26
CA MET A 311 2.07 -13.27 -3.66
C MET A 311 1.68 -14.50 -4.49
N ILE A 312 2.62 -15.41 -4.72
CA ILE A 312 2.44 -16.64 -5.54
C ILE A 312 3.08 -17.83 -4.81
N ILE A 313 2.33 -18.93 -4.63
CA ILE A 313 2.87 -20.25 -4.21
C ILE A 313 3.28 -21.02 -5.48
N ALA A 314 4.47 -21.61 -5.49
CA ALA A 314 5.10 -22.22 -6.69
C ALA A 314 6.11 -23.30 -6.28
N GLN A 315 6.69 -23.96 -7.28
CA GLN A 315 7.64 -25.10 -7.13
C GLN A 315 9.05 -24.57 -6.83
N ASN A 316 9.85 -25.33 -6.09
CA ASN A 316 11.25 -25.02 -5.71
C ASN A 316 12.20 -25.86 -6.55
N THR A 317 12.09 -25.75 -7.89
CA THR A 317 12.96 -26.45 -8.87
C THR A 317 14.00 -25.48 -9.41
N PRO A 318 15.29 -25.89 -9.52
CA PRO A 318 16.29 -25.11 -10.25
C PRO A 318 15.81 -24.43 -11.54
N ASP A 319 14.83 -25.01 -12.24
CA ASP A 319 14.16 -24.39 -13.42
C ASP A 319 13.42 -23.11 -12.98
N ALA A 320 12.64 -23.20 -11.89
CA ALA A 320 11.80 -22.11 -11.35
C ALA A 320 12.66 -20.90 -10.98
N VAL A 321 13.64 -21.09 -10.08
CA VAL A 321 14.50 -20.00 -9.54
C VAL A 321 15.20 -19.29 -10.71
N LYS A 322 15.67 -20.05 -11.71
CA LYS A 322 16.33 -19.54 -12.94
C LYS A 322 15.34 -18.68 -13.72
N GLU A 323 14.13 -19.20 -13.96
CA GLU A 323 13.05 -18.52 -14.74
C GLU A 323 12.60 -17.25 -14.01
N LEU A 324 12.54 -17.28 -12.68
CA LEU A 324 12.13 -16.11 -11.84
C LEU A 324 13.15 -14.98 -11.98
N GLU A 325 14.45 -15.31 -11.99
CA GLU A 325 15.57 -14.34 -12.13
C GLU A 325 15.50 -13.66 -13.51
N GLU A 326 15.21 -14.42 -14.56
CA GLU A 326 15.07 -13.93 -15.96
C GLU A 326 13.88 -12.96 -16.04
N ILE A 327 12.73 -13.35 -15.48
CA ILE A 327 11.48 -12.53 -15.41
C ILE A 327 11.76 -11.26 -14.61
N ARG A 328 12.32 -11.42 -13.40
CA ARG A 328 12.66 -10.31 -12.47
C ARG A 328 13.59 -9.32 -13.18
N ALA A 329 14.69 -9.82 -13.77
CA ALA A 329 15.73 -9.01 -14.46
C ALA A 329 15.09 -8.18 -15.58
N LYS A 330 14.37 -8.84 -16.50
CA LYS A 330 13.78 -8.19 -17.71
C LYS A 330 12.70 -7.18 -17.29
N ALA A 331 11.96 -7.47 -16.22
CA ALA A 331 10.89 -6.59 -15.66
C ALA A 331 11.52 -5.30 -15.14
N VAL A 332 12.59 -5.41 -14.35
CA VAL A 332 13.32 -4.26 -13.74
C VAL A 332 13.94 -3.41 -14.87
N GLU A 333 14.54 -4.06 -15.88
CA GLU A 333 15.23 -3.40 -17.02
C GLU A 333 14.23 -2.57 -17.84
N TRP A 334 13.05 -3.14 -18.12
CA TRP A 334 11.96 -2.44 -18.86
C TRP A 334 11.49 -1.23 -18.05
N LEU A 335 11.33 -1.39 -16.73
CA LEU A 335 10.83 -0.32 -15.82
C LEU A 335 11.82 0.85 -15.79
N TYR A 336 13.13 0.59 -15.95
CA TYR A 336 14.19 1.63 -15.93
C TYR A 336 14.16 2.43 -17.25
N ARG A 337 14.08 1.74 -18.39
CA ARG A 337 14.02 2.36 -19.74
C ARG A 337 12.78 3.26 -19.84
N GLU A 338 11.65 2.80 -19.30
CA GLU A 338 10.31 3.42 -19.48
C GLU A 338 10.14 4.60 -18.53
N PHE A 339 10.56 4.47 -17.27
CA PHE A 339 10.24 5.40 -16.16
C PHE A 339 11.49 5.77 -15.34
N GLU A 340 12.66 5.88 -16.01
CA GLU A 340 13.95 6.27 -15.38
C GLU A 340 14.18 5.44 -14.11
N SER A 341 13.99 6.02 -12.92
CA SER A 341 14.11 5.35 -11.60
C SER A 341 12.86 5.58 -10.75
N ASP A 342 11.77 6.09 -11.37
CA ASP A 342 10.53 6.52 -10.68
C ASP A 342 9.85 5.30 -10.06
N LEU A 343 9.60 4.25 -10.85
CA LEU A 343 8.83 3.04 -10.47
C LEU A 343 9.75 1.81 -10.52
N TYR A 344 9.87 1.11 -9.39
CA TYR A 344 10.67 -0.13 -9.22
C TYR A 344 9.74 -1.30 -8.89
N LEU A 345 10.17 -2.52 -9.22
CA LEU A 345 9.50 -3.79 -8.81
C LEU A 345 10.50 -4.67 -8.07
N ALA A 346 10.32 -4.81 -6.75
CA ALA A 346 11.10 -5.68 -5.85
C ALA A 346 10.47 -7.08 -5.82
N ILE A 347 11.07 -8.03 -6.54
CA ILE A 347 10.64 -9.47 -6.56
C ILE A 347 11.67 -10.29 -5.76
N GLU A 348 11.21 -10.97 -4.71
CA GLU A 348 12.01 -11.92 -3.89
C GLU A 348 11.17 -13.18 -3.63
N TRP A 349 11.85 -14.30 -3.38
CA TRP A 349 11.21 -15.62 -3.11
C TRP A 349 11.96 -16.33 -1.99
N GLU A 350 11.24 -17.02 -1.10
CA GLU A 350 11.81 -17.82 0.01
C GLU A 350 11.45 -19.29 -0.21
N PRO A 351 12.45 -20.22 -0.20
CA PRO A 351 12.15 -21.64 -0.22
C PRO A 351 11.47 -22.05 1.08
N VAL A 352 10.47 -22.92 1.00
CA VAL A 352 9.52 -23.24 2.11
C VAL A 352 9.14 -24.72 2.04
N SER A 353 8.98 -25.36 3.20
CA SER A 353 8.50 -26.76 3.38
C SER A 353 6.99 -26.77 3.65
N GLY A 354 6.35 -27.93 3.53
CA GLY A 354 4.93 -28.14 3.88
C GLY A 354 4.66 -27.82 5.34
N ARG A 355 5.62 -28.10 6.23
CA ARG A 355 5.62 -27.71 7.66
C ARG A 355 5.23 -26.24 7.80
N GLU A 356 5.86 -25.38 6.99
CA GLU A 356 5.84 -23.90 7.13
C GLU A 356 4.62 -23.29 6.43
N PHE A 357 3.54 -24.06 6.24
CA PHE A 357 2.21 -23.58 5.76
C PHE A 357 1.20 -23.60 6.90
N GLY A 358 1.62 -23.92 8.13
CA GLY A 358 0.70 -24.10 9.27
C GLY A 358 1.37 -23.88 10.62
N ARG A 359 0.80 -24.49 11.66
CA ARG A 359 1.11 -24.25 13.10
C ARG A 359 1.97 -25.40 13.65
N GLU A 360 2.87 -25.10 14.59
CA GLU A 360 3.70 -26.09 15.35
C GLU A 360 4.06 -25.49 16.71
N GLY A 361 3.10 -25.48 17.65
CA GLY A 361 3.26 -24.91 19.00
C GLY A 361 2.61 -23.54 19.12
N ASN A 364 3.48 -20.36 14.83
CA ASN A 364 2.96 -19.91 13.51
C ASN A 364 4.14 -19.81 12.52
N LEU A 365 4.47 -20.92 11.86
CA LEU A 365 5.64 -21.04 10.95
C LEU A 365 5.37 -20.27 9.65
N PHE A 366 4.10 -20.15 9.23
CA PHE A 366 3.69 -19.45 7.97
C PHE A 366 4.01 -17.95 8.09
N ALA A 367 3.57 -17.33 9.19
CA ALA A 367 3.78 -15.89 9.50
C ALA A 367 5.28 -15.61 9.63
N GLU A 368 6.03 -16.50 10.29
CA GLU A 368 7.50 -16.40 10.46
C GLU A 368 8.19 -16.55 9.10
N ALA A 369 7.62 -17.36 8.21
CA ALA A 369 8.16 -17.61 6.84
C ALA A 369 7.81 -16.42 5.92
N ARG A 370 6.69 -15.74 6.18
CA ARG A 370 6.31 -14.48 5.50
C ARG A 370 7.23 -13.35 5.99
N LYS A 371 7.62 -13.39 7.27
CA LYS A 371 8.48 -12.36 7.94
C LYS A 371 9.89 -12.41 7.36
N ARG A 372 10.43 -13.61 7.11
CA ARG A 372 11.77 -13.82 6.49
C ARG A 372 11.77 -13.28 5.05
N LEU A 373 10.64 -13.40 4.36
CA LEU A 373 10.48 -12.96 2.94
C LEU A 373 10.27 -11.44 2.90
N LYS A 374 9.43 -10.90 3.79
CA LYS A 374 9.24 -9.44 3.96
C LYS A 374 10.63 -8.78 4.12
N HIS A 375 11.48 -9.35 4.98
CA HIS A 375 12.87 -8.91 5.24
C HIS A 375 13.66 -8.88 3.92
N LYS A 376 13.57 -9.95 3.12
CA LYS A 376 14.24 -10.06 1.79
C LYS A 376 13.81 -8.87 0.90
N LEU A 377 12.52 -8.49 0.96
CA LEU A 377 11.93 -7.39 0.14
C LEU A 377 12.50 -6.05 0.59
N THR A 378 12.54 -5.77 1.90
CA THR A 378 13.02 -4.47 2.46
C THR A 378 14.45 -4.20 1.98
N VAL A 379 15.27 -5.25 1.86
CA VAL A 379 16.69 -5.19 1.41
C VAL A 379 16.71 -4.92 -0.11
N ARG A 380 15.85 -5.60 -0.87
CA ARG A 380 15.72 -5.46 -2.34
C ARG A 380 15.25 -4.04 -2.69
N LYS A 381 14.35 -3.48 -1.89
CA LYS A 381 13.84 -2.08 -2.05
C LYS A 381 14.93 -1.08 -1.67
N LEU A 382 15.94 -1.51 -0.89
CA LEU A 382 17.15 -0.72 -0.54
C LEU A 382 18.28 -1.02 -1.54
N LYS A 383 17.97 -1.73 -2.64
CA LYS A 383 18.92 -2.04 -3.74
C LYS A 383 18.20 -1.78 -5.07
N ARG A 384 17.54 -0.61 -5.18
CA ARG A 384 16.73 -0.20 -6.35
C ARG A 384 17.59 -0.24 -7.62
N PHE A 385 17.26 -1.14 -8.55
CA PHE A 385 17.90 -1.29 -9.89
C PHE A 385 19.35 -1.76 -9.72
N GLY A 386 19.62 -2.54 -8.67
CA GLY A 386 20.89 -3.28 -8.48
C GLY A 386 21.04 -4.37 -9.54
N GLU A 387 19.93 -4.77 -10.17
CA GLU A 387 19.87 -5.77 -11.27
C GLU A 387 20.22 -5.11 -12.61
N ILE A 388 20.64 -3.83 -12.60
CA ILE A 388 21.11 -3.06 -13.78
C ILE A 388 22.51 -2.50 -13.46
N LYS A 389 23.55 -3.02 -14.11
CA LYS A 389 24.97 -2.70 -13.80
C LYS A 389 25.38 -1.38 -14.46
N GLY A 390 24.87 -1.11 -15.67
CA GLY A 390 25.12 0.13 -16.43
C GLY A 390 24.66 1.38 -15.69
N LEU A 391 23.88 1.19 -14.61
CA LEU A 391 23.30 2.27 -13.76
C LEU A 391 24.42 3.19 -13.23
N PHE A 392 25.51 2.61 -12.73
CA PHE A 392 26.61 3.32 -12.01
C PHE A 392 27.78 3.59 -12.97
N GLU A 393 27.49 4.23 -14.11
CA GLU A 393 28.48 4.59 -15.16
C GLU A 393 28.01 5.87 -15.88
N LYS A 442 -16.41 2.61 -22.23
CA LYS A 442 -16.99 1.84 -23.36
C LYS A 442 -16.44 0.41 -23.39
N LEU A 443 -15.21 0.18 -22.92
CA LEU A 443 -14.48 -1.11 -23.01
C LEU A 443 -14.93 -2.06 -21.88
N LEU A 444 -14.66 -3.35 -22.04
CA LEU A 444 -14.99 -4.44 -21.07
C LEU A 444 -13.72 -5.01 -20.46
N GLY A 445 -12.56 -4.79 -21.07
CA GLY A 445 -11.25 -5.29 -20.58
C GLY A 445 -10.12 -5.03 -21.57
N PHE A 446 -9.03 -5.80 -21.45
CA PHE A 446 -7.82 -5.72 -22.29
C PHE A 446 -7.35 -7.13 -22.67
N GLY A 447 -6.86 -7.30 -23.91
CA GLY A 447 -6.29 -8.57 -24.41
C GLY A 447 -4.77 -8.55 -24.35
N ARG A 448 -4.16 -9.60 -23.81
CA ARG A 448 -2.68 -9.70 -23.58
C ARG A 448 -2.05 -10.42 -24.78
N THR A 449 -1.66 -9.65 -25.81
CA THR A 449 -1.02 -10.12 -27.07
C THR A 449 0.50 -9.87 -27.00
N ALA A 450 1.22 -10.18 -28.08
CA ALA A 450 2.63 -9.79 -28.29
C ALA A 450 2.72 -8.25 -28.41
N LYS A 451 3.89 -7.68 -28.13
CA LYS A 451 4.15 -6.22 -28.19
C LYS A 451 3.93 -5.71 -29.62
N ASN A 452 4.61 -6.33 -30.59
CA ASN A 452 4.40 -6.10 -32.05
C ASN A 452 3.05 -6.70 -32.44
N ASP A 453 1.99 -5.89 -32.45
CA ASP A 453 0.60 -6.31 -32.75
C ASP A 453 -0.26 -5.07 -33.03
N ALA A 454 -1.23 -5.20 -33.94
CA ALA A 454 -2.15 -4.12 -34.39
C ALA A 454 -3.12 -3.77 -33.27
N GLY A 455 -3.19 -2.47 -32.90
CA GLY A 455 -4.18 -1.93 -31.96
C GLY A 455 -3.73 -1.98 -30.51
N VAL A 456 -2.46 -2.34 -30.26
CA VAL A 456 -1.82 -2.26 -28.90
C VAL A 456 -1.86 -0.80 -28.45
N LEU A 457 -2.60 -0.51 -27.37
CA LEU A 457 -2.77 0.86 -26.81
C LEU A 457 -1.57 1.19 -25.92
N VAL A 458 -1.27 0.32 -24.96
CA VAL A 458 -0.13 0.45 -24.00
C VAL A 458 0.60 -0.89 -23.92
N GLU A 459 1.89 -0.87 -23.56
CA GLU A 459 2.77 -2.06 -23.48
C GLU A 459 3.22 -2.28 -22.03
N GLY A 460 3.27 -3.54 -21.60
CA GLY A 460 3.89 -3.97 -20.33
C GLY A 460 5.35 -4.34 -20.54
N PRO A 461 6.04 -4.88 -19.51
CA PRO A 461 7.42 -5.36 -19.67
C PRO A 461 7.59 -6.64 -20.49
N PHE A 462 6.51 -7.38 -20.76
CA PHE A 462 6.53 -8.72 -21.42
C PHE A 462 5.61 -8.77 -22.64
N SER A 463 4.41 -8.19 -22.53
CA SER A 463 3.34 -8.28 -23.57
C SER A 463 2.75 -6.89 -23.86
N GLY A 464 2.00 -6.79 -24.96
CA GLY A 464 1.17 -5.62 -25.31
C GLY A 464 -0.28 -5.86 -24.90
N PHE A 465 -1.05 -4.77 -24.72
CA PHE A 465 -2.45 -4.81 -24.25
C PHE A 465 -3.36 -4.07 -25.25
N VAL A 466 -4.21 -4.84 -25.94
CA VAL A 466 -5.23 -4.32 -26.91
C VAL A 466 -6.55 -4.15 -26.16
N PRO A 467 -7.16 -2.94 -26.15
CA PRO A 467 -8.46 -2.75 -25.51
C PRO A 467 -9.54 -3.64 -26.16
N TYR A 468 -10.44 -4.18 -25.33
CA TYR A 468 -11.55 -5.10 -25.71
C TYR A 468 -12.88 -4.36 -25.52
N LEU A 469 -13.45 -3.85 -26.62
CA LEU A 469 -14.66 -3.00 -26.63
C LEU A 469 -15.91 -3.88 -26.75
N GLN A 470 -17.09 -3.29 -26.53
CA GLN A 470 -18.42 -3.98 -26.51
C GLN A 470 -18.65 -4.71 -27.83
N GLY A 471 -18.54 -3.99 -28.95
CA GLY A 471 -18.81 -4.49 -30.31
C GLY A 471 -17.60 -5.20 -30.91
N GLY A 472 -16.42 -5.04 -30.31
CA GLY A 472 -15.14 -5.59 -30.83
C GLY A 472 -14.99 -7.08 -30.55
N ARG A 473 -13.88 -7.66 -31.00
CA ARG A 473 -13.47 -9.07 -30.73
C ARG A 473 -12.24 -9.06 -29.81
N PRO A 474 -12.17 -9.94 -28.79
CA PRO A 474 -11.00 -10.03 -27.93
C PRO A 474 -9.81 -10.66 -28.66
N VAL A 475 -8.61 -10.08 -28.49
CA VAL A 475 -7.35 -10.51 -29.16
C VAL A 475 -6.30 -10.79 -28.08
N GLY A 476 -5.83 -12.04 -27.97
CA GLY A 476 -4.69 -12.40 -27.11
C GLY A 476 -4.83 -13.77 -26.48
N GLU A 477 -3.71 -14.30 -25.96
CA GLU A 477 -3.61 -15.59 -25.23
C GLU A 477 -4.42 -15.48 -23.94
N GLN A 478 -4.17 -14.43 -23.15
CA GLN A 478 -4.95 -14.06 -21.94
C GLN A 478 -5.85 -12.87 -22.27
N ILE A 479 -7.03 -12.81 -21.64
CA ILE A 479 -8.01 -11.68 -21.76
C ILE A 479 -8.36 -11.19 -20.35
N LEU A 480 -7.85 -10.02 -19.96
CA LEU A 480 -8.19 -9.34 -18.68
C LEU A 480 -9.56 -8.67 -18.83
N VAL A 481 -10.60 -9.24 -18.23
CA VAL A 481 -12.01 -8.73 -18.29
C VAL A 481 -12.32 -8.00 -16.98
N LYS A 482 -13.02 -6.86 -17.08
CA LYS A 482 -13.19 -5.86 -15.99
C LYS A 482 -14.54 -6.04 -15.30
N ASN A 483 -14.53 -6.22 -13.98
CA ASN A 483 -15.71 -6.16 -13.07
C ASN A 483 -16.78 -7.18 -13.50
N THR A 484 -16.37 -8.41 -13.84
CA THR A 484 -17.24 -9.58 -14.05
C THR A 484 -16.44 -10.86 -13.77
N LEU A 485 -17.07 -11.87 -13.16
CA LEU A 485 -16.56 -13.26 -13.07
C LEU A 485 -17.17 -14.09 -14.21
N ASN A 486 -18.16 -13.53 -14.93
CA ASN A 486 -18.82 -14.17 -16.10
C ASN A 486 -17.95 -13.94 -17.34
N PRO A 487 -17.39 -15.01 -17.96
CA PRO A 487 -16.52 -14.86 -19.13
C PRO A 487 -17.16 -14.08 -20.28
N GLY A 488 -18.48 -14.13 -20.39
CA GLY A 488 -19.25 -13.46 -21.46
C GLY A 488 -18.99 -14.10 -22.81
N GLU A 489 -18.90 -13.29 -23.87
CA GLU A 489 -18.71 -13.75 -25.27
C GLU A 489 -17.27 -13.48 -25.71
N ILE A 490 -16.36 -14.40 -25.34
CA ILE A 490 -14.92 -14.43 -25.74
C ILE A 490 -14.62 -15.85 -26.23
N PRO A 491 -13.56 -16.06 -27.05
CA PRO A 491 -13.31 -17.39 -27.62
C PRO A 491 -12.98 -18.45 -26.56
N GLU A 492 -13.35 -19.71 -26.84
CA GLU A 492 -13.19 -20.87 -25.91
C GLU A 492 -11.71 -21.11 -25.60
N SER A 493 -10.80 -20.62 -26.46
CA SER A 493 -9.34 -20.88 -26.40
C SER A 493 -8.59 -19.73 -25.70
N ALA A 494 -9.31 -18.81 -25.04
CA ALA A 494 -8.75 -17.64 -24.33
C ALA A 494 -8.69 -17.91 -22.82
N GLN A 495 -7.53 -17.70 -22.20
CA GLN A 495 -7.37 -17.67 -20.72
C GLN A 495 -8.19 -16.50 -20.18
N PHE A 496 -9.25 -16.78 -19.42
CA PHE A 496 -10.09 -15.76 -18.74
C PHE A 496 -9.37 -15.31 -17.45
N VAL A 497 -9.19 -14.00 -17.30
CA VAL A 497 -8.54 -13.37 -16.11
C VAL A 497 -9.41 -12.20 -15.66
N PRO A 498 -10.32 -12.40 -14.69
CA PRO A 498 -11.17 -11.32 -14.20
C PRO A 498 -10.40 -10.40 -13.23
N TYR A 499 -10.41 -9.10 -13.47
CA TYR A 499 -9.80 -8.07 -12.59
C TYR A 499 -10.87 -7.04 -12.20
N PHE A 500 -10.95 -6.75 -10.91
CA PHE A 500 -11.87 -5.75 -10.31
C PHE A 500 -11.10 -4.45 -10.06
N VAL A 501 -11.66 -3.32 -10.48
CA VAL A 501 -11.07 -1.96 -10.27
C VAL A 501 -12.20 -1.01 -9.86
N ALA A 502 -12.04 -0.36 -8.71
CA ALA A 502 -12.89 0.77 -8.27
C ALA A 502 -12.63 1.95 -9.20
N ASP A 503 -13.58 2.27 -10.07
CA ASP A 503 -13.42 3.27 -11.15
C ASP A 503 -14.69 4.10 -11.28
N TYR A 504 -15.36 4.43 -10.16
CA TYR A 504 -16.49 5.39 -10.14
C TYR A 504 -15.98 6.76 -10.58
N PHE A 505 -16.80 7.51 -11.32
CA PHE A 505 -16.47 8.89 -11.77
C PHE A 505 -17.77 9.61 -12.18
N LYS A 506 -17.87 10.89 -11.81
CA LYS A 506 -18.96 11.81 -12.24
C LYS A 506 -18.76 12.11 -13.72
N LYS A 507 -19.74 11.78 -14.56
CA LYS A 507 -19.72 12.07 -16.02
C LYS A 507 -20.04 13.55 -16.24
N ASP A 508 -19.27 14.22 -17.10
CA ASP A 508 -19.48 15.63 -17.53
C ASP A 508 -20.83 15.74 -18.24
N PRO A 509 -21.27 16.95 -18.63
CA PRO A 509 -22.31 17.10 -19.65
C PRO A 509 -21.96 16.36 -20.96
N LYS A 510 -20.71 15.90 -21.09
CA LYS A 510 -20.19 15.03 -22.18
C LYS A 510 -19.91 13.64 -21.59
N GLY A 511 -19.68 12.65 -22.45
CA GLY A 511 -19.40 11.25 -22.06
C GLY A 511 -18.15 11.13 -21.20
N GLY A 512 -17.23 12.10 -21.29
CA GLY A 512 -15.94 12.11 -20.58
C GLY A 512 -16.09 12.32 -19.08
N VAL A 513 -15.05 11.95 -18.32
CA VAL A 513 -14.99 12.06 -16.83
C VAL A 513 -14.82 13.54 -16.44
N ALA A 514 -15.33 13.92 -15.26
CA ALA A 514 -15.28 15.29 -14.69
C ALA A 514 -13.83 15.69 -14.40
N THR A 515 -13.54 16.99 -14.50
CA THR A 515 -12.22 17.62 -14.22
C THR A 515 -12.22 18.19 -12.79
N PHE A 516 -11.05 18.64 -12.31
CA PHE A 516 -10.88 19.25 -10.96
C PHE A 516 -11.75 20.51 -10.84
N GLU A 517 -11.94 21.24 -11.95
CA GLU A 517 -12.78 22.47 -12.00
C GLU A 517 -14.26 22.09 -11.92
N GLU A 518 -14.66 21.05 -12.66
CA GLU A 518 -16.07 20.54 -12.73
C GLU A 518 -16.50 20.08 -11.33
N LEU A 519 -15.60 19.44 -10.59
CA LEU A 519 -15.86 18.88 -9.24
C LEU A 519 -15.88 20.01 -8.21
N SER A 520 -14.92 20.95 -8.30
CA SER A 520 -14.73 22.07 -7.34
C SER A 520 -15.91 23.05 -7.39
N MET A 521 -16.56 23.17 -8.56
CA MET A 521 -17.68 24.13 -8.79
C MET A 521 -18.99 23.57 -8.24
N ALA A 522 -19.10 22.24 -8.10
CA ALA A 522 -20.34 21.52 -7.70
C ALA A 522 -20.46 21.46 -6.17
N SER A 523 -19.58 22.15 -5.44
CA SER A 523 -19.46 22.07 -3.95
C SER A 523 -20.38 23.11 -3.29
N THR A 524 -20.98 22.73 -2.16
CA THR A 524 -21.81 23.61 -1.28
C THR A 524 -20.89 24.63 -0.59
N GLY A 525 -21.10 25.92 -0.87
CA GLY A 525 -20.33 27.05 -0.30
C GLY A 525 -19.06 27.31 -1.09
N THR A 526 -17.93 27.49 -0.40
CA THR A 526 -16.60 27.77 -1.00
C THR A 526 -16.28 26.74 -2.08
N ARG A 527 -15.87 27.20 -3.27
CA ARG A 527 -15.58 26.34 -4.44
C ARG A 527 -14.15 25.79 -4.31
N ARG A 528 -14.03 24.61 -3.69
CA ARG A 528 -12.76 23.91 -3.38
C ARG A 528 -12.87 22.43 -3.78
N LEU A 529 -11.76 21.82 -4.21
CA LEU A 529 -11.69 20.36 -4.50
C LEU A 529 -11.34 19.62 -3.21
N GLY A 530 -12.21 18.69 -2.79
CA GLY A 530 -11.95 17.74 -1.70
C GLY A 530 -11.03 16.63 -2.16
N VAL A 531 -9.92 16.42 -1.45
CA VAL A 531 -8.98 15.28 -1.65
C VAL A 531 -8.92 14.49 -0.35
N MET A 532 -9.22 13.19 -0.38
CA MET A 532 -9.15 12.33 0.83
C MET A 532 -8.34 11.06 0.52
N LYS A 533 -7.39 10.76 1.40
CA LYS A 533 -6.48 9.60 1.34
C LYS A 533 -6.72 8.75 2.59
N GLY A 534 -7.22 7.53 2.40
CA GLY A 534 -7.57 6.60 3.50
C GLY A 534 -6.74 5.33 3.46
N ASP A 535 -6.47 4.75 4.63
CA ASP A 535 -5.64 3.53 4.78
C ASP A 535 -6.13 2.74 6.00
N VAL A 536 -6.20 1.41 5.88
CA VAL A 536 -6.62 0.48 6.97
C VAL A 536 -5.49 0.40 8.00
N ASP A 537 -5.84 0.39 9.29
CA ASP A 537 -4.89 0.44 10.43
C ASP A 537 -4.43 -0.98 10.80
N ARG A 538 -3.12 -1.17 10.95
CA ARG A 538 -2.46 -2.42 11.42
C ARG A 538 -2.98 -3.62 10.62
N LEU A 539 -2.98 -3.52 9.29
CA LEU A 539 -3.29 -4.62 8.35
C LEU A 539 -2.15 -5.65 8.39
N GLY A 540 -0.90 -5.18 8.51
CA GLY A 540 0.31 -6.03 8.62
C GLY A 540 0.21 -6.97 9.81
N GLU A 541 -0.31 -6.48 10.94
CA GLU A 541 -0.55 -7.26 12.19
C GLU A 541 -1.67 -8.27 11.96
N PHE A 542 -2.74 -7.85 11.30
CA PHE A 542 -3.96 -8.65 10.97
C PHE A 542 -3.55 -9.88 10.15
N PHE A 543 -2.93 -9.65 8.99
CA PHE A 543 -2.46 -10.72 8.05
C PHE A 543 -1.46 -11.64 8.76
N SER A 544 -0.64 -11.09 9.66
CA SER A 544 0.43 -11.83 10.40
C SER A 544 -0.19 -12.80 11.43
N SER A 545 -1.47 -12.61 11.78
CA SER A 545 -2.22 -13.45 12.74
C SER A 545 -2.78 -14.71 12.04
N MET A 546 -2.87 -14.70 10.70
CA MET A 546 -3.42 -15.83 9.90
C MET A 546 -2.44 -17.00 9.96
N ASP A 547 -2.94 -18.18 10.34
CA ASP A 547 -2.17 -19.44 10.51
C ASP A 547 -1.81 -20.05 9.15
N SER A 548 -2.80 -20.13 8.24
CA SER A 548 -2.74 -20.98 7.02
C SER A 548 -2.91 -20.15 5.75
N PRO A 549 -2.36 -20.63 4.61
CA PRO A 549 -2.61 -20.05 3.28
C PRO A 549 -4.06 -19.67 2.97
N SER A 550 -5.01 -20.52 3.37
CA SER A 550 -6.47 -20.35 3.10
C SER A 550 -7.04 -19.23 3.99
N LYS A 551 -6.53 -19.09 5.21
CA LYS A 551 -6.87 -17.99 6.14
C LYS A 551 -6.43 -16.66 5.51
N LEU A 552 -5.16 -16.57 5.09
CA LEU A 552 -4.57 -15.38 4.43
C LEU A 552 -5.31 -15.09 3.12
N ALA A 553 -5.64 -16.14 2.36
CA ALA A 553 -6.37 -16.06 1.07
C ALA A 553 -7.69 -15.33 1.26
N THR A 554 -8.45 -15.70 2.30
CA THR A 554 -9.77 -15.10 2.65
C THR A 554 -9.55 -13.66 3.14
N ALA A 555 -8.66 -13.48 4.12
CA ALA A 555 -8.29 -12.17 4.71
C ALA A 555 -8.01 -11.18 3.58
N SER A 556 -7.10 -11.54 2.67
CA SER A 556 -6.60 -10.67 1.56
C SER A 556 -7.73 -10.35 0.58
N ARG A 557 -8.53 -11.35 0.19
CA ARG A 557 -9.58 -11.23 -0.87
C ARG A 557 -10.68 -10.30 -0.37
N PHE A 558 -11.28 -10.60 0.78
CA PHE A 558 -12.36 -9.80 1.42
C PHE A 558 -11.88 -8.36 1.62
N MET A 559 -10.67 -8.20 2.17
CA MET A 559 -10.01 -6.88 2.41
C MET A 559 -10.00 -6.08 1.11
N ASP A 560 -9.42 -6.65 0.05
CA ASP A 560 -9.26 -6.01 -1.29
C ASP A 560 -10.62 -5.71 -1.90
N TYR A 561 -11.62 -6.56 -1.63
CA TYR A 561 -12.96 -6.54 -2.28
C TYR A 561 -13.82 -5.41 -1.72
N PHE A 562 -13.62 -4.99 -0.47
CA PHE A 562 -14.31 -3.81 0.13
C PHE A 562 -13.99 -2.56 -0.70
N PHE A 563 -12.73 -2.44 -1.12
CA PHE A 563 -12.18 -1.24 -1.82
C PHE A 563 -12.46 -1.32 -3.33
N LYS A 564 -12.19 -2.49 -3.94
CA LYS A 564 -12.39 -2.70 -5.40
C LYS A 564 -13.89 -2.85 -5.71
N GLY A 565 -14.65 -3.45 -4.81
CA GLY A 565 -16.05 -3.86 -5.05
C GLY A 565 -17.07 -2.83 -4.57
N TYR A 566 -16.95 -2.35 -3.32
CA TYR A 566 -18.05 -1.75 -2.54
C TYR A 566 -17.91 -0.22 -2.38
N ILE A 567 -16.70 0.34 -2.53
CA ILE A 567 -16.51 1.83 -2.48
C ILE A 567 -17.32 2.46 -3.62
N GLY A 568 -17.41 1.79 -4.77
CA GLY A 568 -18.33 2.16 -5.87
C GLY A 568 -19.74 2.37 -5.37
N ALA A 569 -20.25 1.43 -4.58
CA ALA A 569 -21.64 1.41 -4.04
C ALA A 569 -21.84 2.53 -3.00
N ILE A 570 -20.92 2.66 -2.05
CA ILE A 570 -21.00 3.66 -0.94
C ILE A 570 -21.15 5.06 -1.55
N ILE A 571 -20.44 5.34 -2.65
CA ILE A 571 -20.49 6.64 -3.39
C ILE A 571 -21.87 6.78 -4.05
N GLU A 572 -22.35 5.73 -4.73
CA GLU A 572 -23.68 5.69 -5.40
C GLU A 572 -24.77 6.14 -4.41
N GLY A 573 -24.66 5.69 -3.15
CA GLY A 573 -25.56 6.07 -2.04
C GLY A 573 -26.14 4.88 -1.30
N LYS A 574 -25.64 3.67 -1.56
CA LYS A 574 -26.18 2.40 -0.99
C LYS A 574 -25.79 2.27 0.49
N PHE A 575 -26.41 1.31 1.17
CA PHE A 575 -26.12 0.90 2.58
C PHE A 575 -26.50 2.05 3.53
N GLY A 576 -27.54 2.81 3.16
CA GLY A 576 -28.03 3.99 3.89
C GLY A 576 -28.42 3.66 5.33
N TYR A 577 -29.06 2.50 5.54
CA TYR A 577 -29.45 1.99 6.88
C TYR A 577 -28.19 1.61 7.66
N ILE A 578 -27.27 0.90 7.01
CA ILE A 578 -26.04 0.30 7.65
C ILE A 578 -25.10 1.44 8.05
N ILE A 579 -24.94 2.46 7.19
CA ILE A 579 -24.18 3.70 7.49
C ILE A 579 -24.97 4.51 8.52
N GLY A 580 -26.09 5.12 8.10
CA GLY A 580 -26.97 5.93 8.97
C GLY A 580 -26.63 7.41 8.91
N ASP A 581 -26.78 8.12 10.04
CA ASP A 581 -26.53 9.57 10.15
C ASP A 581 -25.01 9.83 10.22
N VAL A 582 -24.45 10.47 9.20
CA VAL A 582 -23.01 10.85 9.12
C VAL A 582 -22.92 12.38 9.01
N PRO A 583 -21.81 13.00 9.46
CA PRO A 583 -21.55 14.42 9.19
C PRO A 583 -21.72 14.73 7.69
N SER A 584 -22.70 15.58 7.36
CA SER A 584 -23.09 15.96 5.97
C SER A 584 -23.44 17.44 5.91
N LEU A 585 -23.32 18.05 4.72
CA LEU A 585 -23.59 19.49 4.47
C LEU A 585 -24.74 19.66 3.47
N ARG A 586 -25.22 18.58 2.85
CA ARG A 586 -26.32 18.61 1.86
C ARG A 586 -26.96 17.22 1.74
N ASP A 587 -28.16 17.16 1.15
CA ASP A 587 -28.83 15.89 0.77
C ASP A 587 -27.91 15.17 -0.23
N TRP A 588 -27.71 13.86 -0.05
CA TRP A 588 -26.79 13.05 -0.90
C TRP A 588 -27.32 13.04 -2.34
N PRO A 589 -26.51 13.48 -3.32
CA PRO A 589 -26.93 13.51 -4.72
C PRO A 589 -27.12 12.10 -5.32
N GLU A 590 -27.86 12.02 -6.44
CA GLU A 590 -28.16 10.76 -7.18
C GLU A 590 -26.95 10.41 -8.05
N GLU A 591 -26.33 11.42 -8.67
CA GLU A 591 -25.04 11.31 -9.42
C GLU A 591 -23.99 12.19 -8.74
N PRO A 592 -23.40 11.74 -7.60
CA PRO A 592 -22.44 12.55 -6.85
C PRO A 592 -21.21 13.01 -7.66
N ASP A 593 -20.73 14.21 -7.36
CA ASP A 593 -19.53 14.84 -7.98
C ASP A 593 -18.27 14.29 -7.29
N ILE A 594 -18.05 12.98 -7.41
CA ILE A 594 -16.87 12.24 -6.86
C ILE A 594 -16.16 11.56 -8.04
N VAL A 595 -14.84 11.37 -7.94
CA VAL A 595 -14.02 10.58 -8.90
C VAL A 595 -13.00 9.77 -8.10
N VAL A 596 -13.13 8.45 -8.10
CA VAL A 596 -12.10 7.51 -7.57
C VAL A 596 -10.86 7.64 -8.44
N VAL A 597 -9.71 7.94 -7.83
CA VAL A 597 -8.36 7.90 -8.47
C VAL A 597 -7.84 6.47 -8.34
N TYR A 598 -7.78 5.98 -7.11
CA TYR A 598 -7.49 4.56 -6.77
C TYR A 598 -8.28 4.14 -5.53
N ALA A 599 -8.69 2.86 -5.50
CA ALA A 599 -9.25 2.16 -4.32
C ALA A 599 -9.01 0.67 -4.50
N GLY A 600 -8.18 0.07 -3.64
CA GLY A 600 -7.74 -1.33 -3.73
C GLY A 600 -6.70 -1.64 -2.66
N GLY A 601 -6.41 -2.92 -2.45
CA GLY A 601 -5.55 -3.37 -1.34
C GLY A 601 -6.19 -3.09 0.00
N ASP A 602 -5.79 -1.99 0.65
CA ASP A 602 -6.35 -1.54 1.96
C ASP A 602 -6.36 -0.01 2.02
N ALA A 603 -6.45 0.67 0.87
CA ALA A 603 -6.28 2.13 0.75
C ALA A 603 -7.12 2.66 -0.42
N PHE A 604 -7.36 3.97 -0.41
CA PHE A 604 -8.08 4.71 -1.50
C PHE A 604 -7.56 6.16 -1.57
N PHE A 605 -7.59 6.72 -2.78
CA PHE A 605 -7.38 8.15 -3.07
C PHE A 605 -8.57 8.63 -3.91
N ILE A 606 -9.37 9.54 -3.37
CA ILE A 606 -10.67 9.97 -3.98
C ILE A 606 -10.76 11.51 -3.93
N VAL A 607 -11.19 12.12 -5.04
CA VAL A 607 -11.31 13.59 -5.22
C VAL A 607 -12.75 13.91 -5.63
N GLY A 608 -13.20 15.16 -5.40
CA GLY A 608 -14.54 15.63 -5.75
C GLY A 608 -14.88 16.95 -5.07
N ALA A 609 -16.15 17.36 -5.13
CA ALA A 609 -16.72 18.52 -4.39
C ALA A 609 -16.39 18.35 -2.90
N TRP A 610 -15.69 19.33 -2.32
CA TRP A 610 -15.05 19.24 -0.98
C TRP A 610 -16.02 18.69 0.07
N ASP A 611 -17.29 19.13 0.02
CA ASP A 611 -18.34 18.79 1.02
C ASP A 611 -18.81 17.35 0.84
N GLN A 612 -18.96 16.89 -0.41
CA GLN A 612 -19.33 15.49 -0.74
C GLN A 612 -18.21 14.55 -0.29
N ILE A 613 -16.95 14.99 -0.42
CA ILE A 613 -15.73 14.24 -0.01
C ILE A 613 -15.68 14.15 1.52
N PHE A 614 -15.97 15.26 2.21
CA PHE A 614 -16.04 15.35 3.70
C PHE A 614 -17.03 14.30 4.22
N GLU A 615 -18.18 14.15 3.55
CA GLU A 615 -19.26 13.20 3.94
C GLU A 615 -18.86 11.77 3.59
N LEU A 616 -18.26 11.56 2.41
CA LEU A 616 -17.87 10.20 1.92
C LEU A 616 -16.87 9.57 2.90
N ALA A 617 -16.00 10.38 3.51
CA ALA A 617 -14.98 9.96 4.49
C ALA A 617 -15.64 9.18 5.64
N PHE A 618 -16.78 9.68 6.14
CA PHE A 618 -17.52 9.09 7.28
C PHE A 618 -18.36 7.90 6.79
N ARG A 619 -18.97 8.02 5.60
CA ARG A 619 -19.73 6.93 4.94
C ARG A 619 -18.83 5.69 4.77
N VAL A 620 -17.65 5.88 4.19
CA VAL A 620 -16.65 4.80 3.92
C VAL A 620 -16.24 4.17 5.26
N ARG A 621 -16.00 4.99 6.29
CA ARG A 621 -15.49 4.54 7.62
C ARG A 621 -16.56 3.71 8.34
N ARG A 622 -17.84 4.12 8.26
CA ARG A 622 -18.97 3.41 8.89
C ARG A 622 -19.19 2.06 8.20
N ALA A 623 -19.28 2.06 6.87
CA ALA A 623 -19.38 0.86 6.00
C ALA A 623 -18.25 -0.11 6.35
N PHE A 624 -17.04 0.41 6.59
CA PHE A 624 -15.83 -0.39 6.90
C PHE A 624 -15.93 -1.00 8.30
N ASN A 625 -16.49 -0.24 9.25
CA ASN A 625 -16.73 -0.70 10.65
C ASN A 625 -17.74 -1.85 10.63
N ALA A 626 -18.76 -1.75 9.75
CA ALA A 626 -19.82 -2.77 9.55
C ALA A 626 -19.26 -3.97 8.79
N TYR A 627 -18.52 -3.73 7.70
CA TYR A 627 -17.94 -4.75 6.80
C TYR A 627 -16.99 -5.67 7.60
N THR A 628 -16.22 -5.07 8.51
CA THR A 628 -15.45 -5.76 9.57
C THR A 628 -16.39 -5.90 10.78
N GLY A 629 -16.04 -6.70 11.79
CA GLY A 629 -16.89 -6.88 12.98
C GLY A 629 -16.72 -5.74 13.97
N GLY A 630 -16.62 -4.51 13.47
CA GLY A 630 -16.13 -3.33 14.21
C GLY A 630 -14.80 -3.61 14.89
N LYS A 631 -13.99 -4.50 14.30
CA LYS A 631 -12.72 -5.02 14.88
C LYS A 631 -11.51 -4.48 14.11
N LEU A 632 -11.74 -3.70 13.04
CA LEU A 632 -10.68 -3.01 12.25
C LEU A 632 -11.08 -1.55 12.03
N THR A 633 -10.08 -0.67 11.93
CA THR A 633 -10.25 0.80 11.89
C THR A 633 -9.53 1.39 10.67
N LEU A 634 -10.12 2.42 10.05
CA LEU A 634 -9.45 3.30 9.06
C LEU A 634 -8.75 4.44 9.79
N SER A 635 -7.76 5.04 9.13
CA SER A 635 -7.31 6.43 9.34
C SER A 635 -7.47 7.16 8.01
N VAL A 636 -7.91 8.43 8.02
CA VAL A 636 -8.16 9.23 6.79
C VAL A 636 -7.48 10.60 6.92
N GLY A 637 -6.96 11.11 5.81
CA GLY A 637 -6.48 12.50 5.66
C GLY A 637 -7.33 13.25 4.65
N LEU A 638 -8.07 14.27 5.12
CA LEU A 638 -8.92 15.13 4.26
C LEU A 638 -8.16 16.43 3.92
N GLY A 639 -8.34 16.92 2.70
CA GLY A 639 -7.79 18.19 2.21
C GLY A 639 -8.78 18.92 1.32
N TYR A 640 -8.92 20.23 1.50
CA TYR A 640 -9.81 21.12 0.71
C TYR A 640 -8.96 22.26 0.13
N PHE A 641 -8.75 22.25 -1.19
CA PHE A 641 -7.80 23.14 -1.91
C PHE A 641 -8.51 23.95 -3.00
N ASP A 642 -7.82 24.99 -3.48
CA ASP A 642 -8.15 25.72 -4.73
C ASP A 642 -8.07 24.74 -5.89
N GLU A 643 -9.04 24.79 -6.80
CA GLU A 643 -9.16 23.89 -7.99
C GLU A 643 -7.85 23.88 -8.80
N ARG A 644 -7.12 25.01 -8.83
CA ARG A 644 -5.91 25.21 -9.66
C ARG A 644 -4.64 24.70 -8.95
N THR A 645 -4.76 24.13 -7.75
CA THR A 645 -3.63 23.56 -6.97
C THR A 645 -3.11 22.32 -7.68
N PRO A 646 -1.78 22.11 -7.80
CA PRO A 646 -1.23 20.93 -8.47
C PRO A 646 -1.45 19.64 -7.66
N ILE A 647 -1.56 18.51 -8.36
CA ILE A 647 -1.89 17.17 -7.79
C ILE A 647 -0.86 16.78 -6.72
N TYR A 648 0.41 17.15 -6.92
CA TYR A 648 1.56 16.66 -6.12
C TYR A 648 1.58 17.35 -4.75
N ARG A 649 1.24 18.65 -4.68
CA ARG A 649 1.11 19.40 -3.40
C ARG A 649 -0.07 18.82 -2.61
N MET A 650 -1.22 18.67 -3.28
CA MET A 650 -2.46 18.08 -2.71
C MET A 650 -2.15 16.70 -2.12
N ALA A 651 -1.62 15.79 -2.94
CA ALA A 651 -1.21 14.42 -2.56
C ALA A 651 -0.24 14.47 -1.37
N ASP A 652 0.68 15.44 -1.38
CA ASP A 652 1.71 15.63 -0.31
C ASP A 652 1.04 16.02 1.00
N VAL A 653 0.05 16.92 0.94
CA VAL A 653 -0.64 17.50 2.13
C VAL A 653 -1.49 16.41 2.80
N VAL A 654 -2.32 15.70 2.04
CA VAL A 654 -3.28 14.69 2.58
C VAL A 654 -2.50 13.47 3.09
N SER A 655 -1.39 13.12 2.43
CA SER A 655 -0.44 12.05 2.88
C SER A 655 0.13 12.43 4.24
N GLU A 656 0.65 13.66 4.37
CA GLU A 656 1.16 14.26 5.62
C GLU A 656 0.07 14.22 6.70
N ARG A 657 -1.19 14.49 6.31
CA ARG A 657 -2.35 14.57 7.24
C ARG A 657 -2.79 13.17 7.66
N LEU A 658 -2.76 12.20 6.74
CA LEU A 658 -3.05 10.77 7.02
C LEU A 658 -1.97 10.19 7.94
N ASP A 659 -0.71 10.54 7.70
CA ASP A 659 0.45 10.09 8.51
C ASP A 659 0.29 10.60 9.95
N THR A 660 -0.18 11.84 10.12
CA THR A 660 -0.49 12.46 11.44
C THR A 660 -1.58 11.64 12.12
N ALA A 661 -2.72 11.44 11.44
CA ALA A 661 -3.89 10.66 11.92
C ALA A 661 -3.42 9.33 12.53
N LYS A 662 -2.55 8.60 11.83
CA LYS A 662 -2.01 7.28 12.26
C LYS A 662 -1.03 7.44 13.41
N ASP A 663 -0.28 8.54 13.44
CA ASP A 663 0.82 8.79 14.41
C ASP A 663 0.24 9.25 15.75
N GLU A 664 -0.89 9.96 15.74
CA GLU A 664 -1.56 10.51 16.95
C GLU A 664 -2.51 9.43 17.53
N GLY A 665 -2.03 8.20 17.63
CA GLY A 665 -2.88 6.99 17.74
C GLY A 665 -3.55 6.71 16.39
N ARG A 666 -4.25 5.59 16.26
CA ARG A 666 -4.93 5.20 14.99
C ARG A 666 -6.45 5.30 15.19
N ASN A 667 -7.23 4.97 14.16
CA ASN A 667 -8.72 4.99 14.18
C ASN A 667 -9.19 6.45 14.32
N ARG A 668 -8.65 7.35 13.50
CA ARG A 668 -8.99 8.80 13.54
C ARG A 668 -8.85 9.44 12.16
N VAL A 669 -9.46 10.62 12.00
CA VAL A 669 -9.58 11.37 10.72
C VAL A 669 -8.96 12.76 10.92
N PHE A 670 -8.17 13.21 9.94
CA PHE A 670 -7.69 14.61 9.81
C PHE A 670 -8.76 15.38 9.03
N VAL A 671 -9.60 16.13 9.73
CA VAL A 671 -10.84 16.76 9.19
C VAL A 671 -10.48 18.04 8.45
N VAL A 672 -9.65 18.89 9.07
CA VAL A 672 -9.29 20.25 8.55
C VAL A 672 -7.99 20.69 9.24
N GLY A 673 -7.25 21.61 8.62
CA GLY A 673 -6.10 22.30 9.24
C GLY A 673 -6.51 22.99 10.53
N ARG A 674 -5.68 22.92 11.57
CA ARG A 674 -6.06 23.30 12.96
C ARG A 674 -4.87 23.96 13.68
N SER A 675 -5.14 25.06 14.39
CA SER A 675 -4.21 25.69 15.37
C SER A 675 -4.34 24.95 16.71
N ARG A 676 -3.25 24.86 17.47
CA ARG A 676 -3.17 24.08 18.72
C ARG A 676 -1.96 24.51 19.55
N PRO A 677 -2.00 24.38 20.89
CA PRO A 677 -0.80 24.48 21.71
C PRO A 677 0.19 23.35 21.35
N LEU A 678 1.49 23.64 21.37
CA LEU A 678 2.58 22.68 21.07
C LEU A 678 3.15 22.12 22.38
N ASP A 679 2.27 21.76 23.33
CA ASP A 679 2.63 21.22 24.67
C ASP A 679 2.61 19.69 24.64
N GLY A 680 2.27 19.09 23.49
CA GLY A 680 2.28 17.63 23.26
C GLY A 680 1.07 16.94 23.87
N LYS A 681 0.03 17.70 24.24
CA LYS A 681 -1.24 17.17 24.83
C LYS A 681 -2.39 17.28 23.82
N HIS A 682 -2.19 18.02 22.73
CA HIS A 682 -3.26 18.43 21.76
C HIS A 682 -2.97 17.83 20.38
N LYS A 683 -3.90 17.01 19.88
CA LYS A 683 -3.81 16.31 18.58
C LYS A 683 -4.67 17.05 17.54
N LEU A 684 -4.25 17.03 16.27
CA LEU A 684 -4.95 17.69 15.13
C LEU A 684 -6.08 16.78 14.63
N SER A 685 -5.82 15.47 14.54
CA SER A 685 -6.79 14.44 14.12
C SER A 685 -7.81 14.19 15.25
N TYR A 686 -9.04 13.84 14.88
CA TYR A 686 -10.14 13.42 15.78
C TYR A 686 -10.35 11.91 15.69
N GLU A 687 -10.59 11.24 16.83
CA GLU A 687 -11.24 9.90 16.85
C GLU A 687 -12.57 10.02 16.11
N TRP A 688 -12.85 9.12 15.17
CA TRP A 688 -14.06 9.15 14.31
C TRP A 688 -15.31 9.41 15.17
N ASN A 689 -15.49 8.62 16.23
CA ASN A 689 -16.67 8.67 17.14
C ASN A 689 -16.69 10.01 17.88
N HIS A 690 -15.52 10.51 18.30
CA HIS A 690 -15.37 11.82 18.99
C HIS A 690 -15.88 12.94 18.09
N TYR A 691 -15.48 12.95 16.81
CA TYR A 691 -15.89 13.99 15.83
C TYR A 691 -17.37 13.82 15.50
N GLU A 692 -17.80 12.59 15.18
CA GLU A 692 -19.20 12.23 14.84
C GLU A 692 -20.13 12.71 15.96
N GLU A 693 -19.69 12.61 17.22
CA GLU A 693 -20.43 13.10 18.43
C GLU A 693 -20.47 14.64 18.44
N LEU A 694 -19.35 15.29 18.11
CA LEU A 694 -19.24 16.78 18.08
C LEU A 694 -20.11 17.35 16.96
N TRP A 695 -20.20 16.67 15.81
CA TRP A 695 -21.09 17.09 14.68
C TRP A 695 -22.55 16.95 15.11
N ARG A 696 -22.93 15.82 15.72
CA ARG A 696 -24.29 15.56 16.27
C ARG A 696 -24.73 16.71 17.18
N THR A 697 -23.81 17.22 18.01
CA THR A 697 -24.09 18.18 19.11
C THR A 697 -24.25 19.60 18.54
N TYR A 698 -23.25 20.11 17.82
CA TYR A 698 -23.09 21.54 17.47
C TYR A 698 -23.72 21.87 16.11
N ALA A 699 -23.67 20.95 15.15
CA ALA A 699 -24.08 21.20 13.74
C ALA A 699 -25.56 21.57 13.67
N PRO A 700 -26.50 20.82 14.30
CA PRO A 700 -27.92 21.14 14.21
C PRO A 700 -28.29 22.52 14.79
N ARG A 701 -27.50 23.01 15.74
CA ARG A 701 -27.78 24.25 16.52
C ARG A 701 -27.35 25.49 15.72
N ILE A 702 -26.52 25.33 14.68
CA ILE A 702 -25.99 26.47 13.87
C ILE A 702 -26.14 26.22 12.36
N TYR A 703 -26.55 25.03 11.92
CA TYR A 703 -26.63 24.65 10.48
C TYR A 703 -28.01 24.09 10.14
N ALA A 704 -28.72 24.77 9.21
CA ALA A 704 -30.07 24.40 8.74
C ALA A 704 -29.98 23.24 7.74
N GLY A 705 -28.91 23.19 6.95
CA GLY A 705 -28.69 22.19 5.90
C GLY A 705 -28.71 22.82 4.50
N ASN A 706 -28.22 22.08 3.50
CA ASN A 706 -28.17 22.48 2.07
C ASN A 706 -27.63 23.91 1.93
N GLY A 707 -26.57 24.24 2.67
CA GLY A 707 -25.76 25.46 2.48
C GLY A 707 -26.25 26.66 3.28
N ARG A 708 -27.39 26.54 3.98
CA ARG A 708 -28.04 27.66 4.72
C ARG A 708 -27.72 27.55 6.21
N LEU A 709 -27.56 28.70 6.88
CA LEU A 709 -27.29 28.82 8.33
C LEU A 709 -28.62 28.83 9.08
N LYS A 710 -28.72 28.11 10.21
CA LYS A 710 -29.96 27.98 11.03
C LYS A 710 -30.63 29.36 11.13
N GLY A 711 -31.92 29.44 10.75
CA GLY A 711 -32.70 30.68 10.62
C GLY A 711 -32.48 31.66 11.76
N LYS A 712 -32.21 31.15 12.97
CA LYS A 712 -32.00 31.96 14.20
C LYS A 712 -30.68 32.73 14.13
N LEU A 713 -29.73 32.28 13.31
CA LEU A 713 -28.37 32.87 13.17
C LEU A 713 -28.25 33.68 11.87
N GLU A 714 -29.26 33.66 11.02
CA GLU A 714 -29.05 34.51 9.84
C GLU A 714 -28.83 35.89 10.47
N SER A 715 -27.71 36.53 10.09
CA SER A 715 -27.23 37.87 10.54
C SER A 715 -26.55 37.82 11.92
N LYS A 716 -26.45 36.63 12.52
CA LYS A 716 -25.75 36.45 13.82
C LYS A 716 -24.53 35.56 13.61
N LYS A 717 -24.13 35.39 12.34
CA LYS A 717 -23.00 34.52 11.94
C LYS A 717 -21.71 34.99 12.62
N GLY A 718 -21.53 36.30 12.69
CA GLY A 718 -20.28 36.84 13.29
C GLY A 718 -19.92 36.18 14.61
N LEU A 719 -20.92 35.63 15.33
CA LEU A 719 -20.74 34.94 16.63
C LEU A 719 -19.76 33.78 16.46
N LEU A 720 -19.95 32.98 15.40
CA LEU A 720 -19.15 31.76 15.10
C LEU A 720 -17.67 32.14 14.93
N TRP A 721 -17.40 33.27 14.26
CA TRP A 721 -16.02 33.81 14.06
C TRP A 721 -15.45 34.26 15.40
N LYS A 722 -16.27 34.89 16.24
CA LYS A 722 -15.86 35.38 17.58
C LYS A 722 -15.50 34.17 18.46
N LEU A 723 -16.22 33.06 18.32
CA LEU A 723 -15.91 31.77 19.03
C LEU A 723 -14.53 31.27 18.56
N LEU A 724 -14.29 31.21 17.25
CA LEU A 724 -12.96 30.85 16.67
C LEU A 724 -11.89 31.81 17.21
N GLU A 725 -12.21 33.11 17.25
CA GLU A 725 -11.35 34.18 17.83
C GLU A 725 -11.06 33.86 19.30
N ILE A 726 -12.08 33.45 20.06
CA ILE A 726 -11.98 33.13 21.52
C ILE A 726 -11.17 31.85 21.70
N ARG A 727 -11.45 30.81 20.89
CA ARG A 727 -10.72 29.52 20.92
C ARG A 727 -9.23 29.77 20.69
N GLU A 728 -8.89 30.71 19.79
CA GLU A 728 -7.49 31.05 19.43
C GLU A 728 -6.74 31.57 20.65
N LEU A 729 -7.44 32.17 21.62
CA LEU A 729 -6.83 32.69 22.89
C LEU A 729 -6.46 31.51 23.80
N TYR A 730 -7.29 30.45 23.82
CA TYR A 730 -7.02 29.17 24.52
C TYR A 730 -5.79 28.49 23.90
N VAL A 731 -5.63 28.60 22.58
CA VAL A 731 -4.49 28.02 21.82
C VAL A 731 -3.18 28.69 22.26
N ARG A 732 -3.21 30.03 22.44
CA ARG A 732 -2.03 30.87 22.79
C ARG A 732 -1.51 30.44 24.15
N ASP A 733 -2.38 30.35 25.15
CA ASP A 733 -2.01 29.77 26.47
C ASP A 733 -3.17 28.90 26.95
N PRO A 734 -3.02 27.57 26.99
CA PRO A 734 -4.10 26.69 27.40
C PRO A 734 -4.58 26.84 28.86
N ASN A 735 -3.65 27.06 29.79
CA ASN A 735 -3.99 27.15 31.23
C ASN A 735 -4.87 28.36 31.58
N ASP A 736 -4.67 29.50 30.94
CA ASP A 736 -5.46 30.72 31.26
C ASP A 736 -6.95 30.49 30.97
N VAL A 737 -7.83 30.89 31.89
CA VAL A 737 -9.29 30.64 31.72
C VAL A 737 -9.99 31.79 30.99
N ARG A 738 -9.31 32.92 30.79
CA ARG A 738 -9.95 34.07 30.12
C ARG A 738 -11.09 33.59 29.21
N TRP A 739 -10.80 32.63 28.32
CA TRP A 739 -11.74 32.08 27.30
C TRP A 739 -13.08 31.74 27.97
N ALA A 740 -13.09 31.01 29.08
CA ALA A 740 -14.30 30.54 29.79
C ALA A 740 -15.20 31.72 30.15
N TYR A 741 -14.62 32.81 30.68
CA TYR A 741 -15.35 34.03 31.14
C TYR A 741 -15.76 34.88 29.94
N LEU A 742 -14.87 35.05 28.95
CA LEU A 742 -15.14 35.84 27.72
C LEU A 742 -16.33 35.22 26.96
N THR A 743 -16.19 33.96 26.53
CA THR A 743 -17.23 33.18 25.79
C THR A 743 -18.60 33.44 26.43
N ALA A 744 -18.64 33.44 27.76
CA ALA A 744 -19.85 33.70 28.58
C ALA A 744 -20.45 35.04 28.18
N TYR A 745 -19.68 36.13 28.26
CA TYR A 745 -20.18 37.51 27.94
C TYR A 745 -20.53 37.56 26.44
N LEU A 746 -19.78 36.86 25.59
CA LEU A 746 -20.00 36.81 24.11
C LEU A 746 -21.42 36.33 23.82
N LEU A 747 -21.86 35.28 24.52
CA LEU A 747 -23.25 34.72 24.43
C LEU A 747 -24.16 35.53 25.37
N SER A 753 -27.76 33.27 25.00
CA SER A 753 -26.78 32.70 25.97
C SER A 753 -26.79 31.16 25.93
N ASP A 754 -27.99 30.56 25.82
CA ASP A 754 -28.24 29.09 25.83
C ASP A 754 -27.25 28.38 24.89
N LEU A 755 -27.31 28.68 23.58
CA LEU A 755 -26.46 28.08 22.52
C LEU A 755 -25.01 27.96 23.02
N PHE A 756 -24.36 26.82 22.76
CA PHE A 756 -22.99 26.46 23.23
C PHE A 756 -22.89 26.57 24.75
N PRO A 757 -23.67 25.77 25.52
CA PRO A 757 -23.49 25.71 26.98
C PRO A 757 -22.24 24.90 27.37
N GLU A 758 -21.62 24.23 26.40
CA GLU A 758 -20.51 23.26 26.61
C GLU A 758 -19.19 24.02 26.77
N LEU A 759 -19.13 25.27 26.27
CA LEU A 759 -17.90 26.09 26.13
C LEU A 759 -17.80 27.15 27.24
N VAL A 760 -18.92 27.49 27.89
CA VAL A 760 -18.99 28.61 28.88
C VAL A 760 -18.34 28.16 30.20
N GLY A 761 -18.23 26.85 30.43
CA GLY A 761 -17.71 26.27 31.68
C GLY A 761 -16.23 25.94 31.59
N ILE A 762 -15.66 25.42 32.70
CA ILE A 762 -14.27 24.88 32.78
C ILE A 762 -14.37 23.39 33.12
N ASP A 763 -14.35 22.54 32.09
CA ASP A 763 -14.41 21.06 32.20
C ASP A 763 -13.24 20.57 33.06
N THR A 764 -13.53 20.03 34.25
CA THR A 764 -12.53 19.58 35.25
C THR A 764 -12.12 18.13 35.00
N LYS A 765 -12.95 17.37 34.27
CA LYS A 765 -12.60 15.99 33.78
C LYS A 765 -11.40 16.09 32.83
N ALA A 766 -11.38 17.12 31.99
CA ALA A 766 -10.27 17.46 31.08
C ALA A 766 -9.04 17.89 31.89
N VAL A 767 -9.25 18.65 32.97
CA VAL A 767 -8.17 19.12 33.89
C VAL A 767 -7.58 17.90 34.61
N GLU A 768 -8.46 16.98 35.06
CA GLU A 768 -8.08 15.70 35.72
C GLU A 768 -7.30 14.81 34.73
N ARG A 769 -7.97 14.39 33.65
CA ARG A 769 -7.41 13.46 32.62
C ARG A 769 -6.27 14.12 31.85
N LYS A 770 -5.97 15.40 32.12
CA LYS A 770 -4.87 16.18 31.49
C LYS A 770 -5.12 16.26 29.98
N GLU A 771 -6.39 16.38 29.59
CA GLU A 771 -6.85 16.44 28.17
C GLU A 771 -7.23 17.87 27.81
N PRO A 772 -7.28 18.22 26.51
CA PRO A 772 -7.78 19.53 26.07
C PRO A 772 -9.19 19.85 26.59
N GLN A 773 -9.49 21.15 26.73
CA GLN A 773 -10.84 21.66 27.09
C GLN A 773 -11.73 21.57 25.86
N PRO A 774 -13.06 21.33 26.04
CA PRO A 774 -13.99 21.22 24.92
C PRO A 774 -13.83 22.29 23.81
N VAL A 775 -13.52 23.52 24.20
CA VAL A 775 -13.32 24.70 23.29
C VAL A 775 -12.34 24.32 22.19
N TYR A 776 -11.28 23.57 22.53
CA TYR A 776 -10.19 23.14 21.61
C TYR A 776 -10.76 22.40 20.38
N TRP A 777 -11.83 21.61 20.55
CA TRP A 777 -12.34 20.66 19.53
C TRP A 777 -13.36 21.32 18.60
N VAL A 778 -13.90 22.49 18.98
CA VAL A 778 -15.08 23.14 18.32
C VAL A 778 -14.72 23.51 16.88
N ASP A 779 -13.49 23.94 16.61
CA ASP A 779 -13.04 24.50 15.30
C ASP A 779 -13.23 23.46 14.18
N GLY A 780 -13.15 22.17 14.49
CA GLY A 780 -13.38 21.06 13.54
C GLY A 780 -14.76 21.10 12.91
N VAL A 781 -15.76 21.58 13.66
CA VAL A 781 -17.19 21.66 13.24
C VAL A 781 -17.45 23.03 12.60
N LEU A 782 -17.04 24.12 13.28
CA LEU A 782 -17.35 25.52 12.87
C LEU A 782 -16.76 25.82 11.49
N LYS A 783 -15.48 25.53 11.28
CA LYS A 783 -14.74 25.86 10.03
C LYS A 783 -15.39 25.16 8.83
N ILE A 784 -15.93 23.95 9.03
CA ILE A 784 -16.66 23.18 7.96
C ILE A 784 -17.99 23.89 7.66
N VAL A 785 -18.74 24.25 8.70
CA VAL A 785 -20.04 24.99 8.58
C VAL A 785 -19.77 26.34 7.89
N LEU A 786 -18.74 27.06 8.32
CA LEU A 786 -18.35 28.40 7.77
C LEU A 786 -17.97 28.27 6.28
N MET A 787 -17.32 27.16 5.90
CA MET A 787 -16.97 26.85 4.49
C MET A 787 -18.25 26.61 3.69
N ALA A 788 -19.25 25.94 4.29
CA ALA A 788 -20.50 25.50 3.63
C ALA A 788 -21.44 26.69 3.37
N VAL A 789 -21.34 27.76 4.17
CA VAL A 789 -22.35 28.86 4.24
C VAL A 789 -21.83 30.11 3.51
N ARG A 790 -20.90 29.95 2.56
CA ARG A 790 -20.30 31.07 1.79
C ARG A 790 -20.72 30.94 0.32
N PRO B 2 35.84 10.27 13.23
CA PRO B 2 36.83 11.32 12.85
C PRO B 2 36.35 12.73 13.23
N LYS B 3 37.28 13.67 13.39
CA LYS B 3 36.99 15.09 13.73
C LYS B 3 37.03 15.92 12.44
N PHE B 4 36.12 16.89 12.31
CA PHE B 4 35.85 17.67 11.08
C PHE B 4 35.69 19.16 11.40
N ILE B 5 35.76 20.00 10.37
CA ILE B 5 35.41 21.46 10.41
C ILE B 5 33.98 21.60 9.90
N ALA B 6 33.03 21.89 10.80
CA ALA B 6 31.59 22.05 10.50
C ALA B 6 31.30 23.51 10.12
N VAL B 7 31.14 23.79 8.83
CA VAL B 7 30.82 25.14 8.28
C VAL B 7 29.34 25.43 8.57
N LYS B 8 29.07 26.24 9.60
CA LYS B 8 27.68 26.56 10.01
C LYS B 8 27.19 27.80 9.26
N LEU B 9 26.04 27.67 8.59
CA LEU B 9 25.37 28.75 7.82
C LEU B 9 24.23 29.33 8.68
N ILE B 10 24.46 30.49 9.30
CA ILE B 10 23.45 31.21 10.13
C ILE B 10 22.56 32.01 9.16
N PRO B 11 21.28 31.62 8.99
CA PRO B 11 20.46 32.14 7.89
C PRO B 11 19.83 33.53 8.14
N LYS B 12 20.43 34.57 7.54
CA LYS B 12 19.85 35.93 7.38
C LYS B 12 18.71 35.84 6.35
N GLY B 13 17.54 35.37 6.78
CA GLY B 13 16.35 35.18 5.93
C GLY B 13 16.19 33.73 5.48
N PRO B 14 15.11 33.41 4.73
CA PRO B 14 14.76 32.02 4.40
C PRO B 14 15.47 31.44 3.17
N PHE B 15 15.64 30.11 3.14
CA PHE B 15 16.34 29.33 2.09
C PHE B 15 15.30 28.77 1.11
N ARG B 16 15.77 28.33 -0.06
CA ARG B 16 14.93 27.78 -1.18
C ARG B 16 15.05 26.25 -1.21
N ASP B 17 16.26 25.72 -0.94
CA ASP B 17 16.56 24.28 -0.83
C ASP B 17 17.41 24.05 0.43
N ILE B 18 17.58 22.79 0.85
CA ILE B 18 18.69 22.35 1.74
C ILE B 18 19.79 21.80 0.85
N PRO B 19 20.82 22.60 0.51
CA PRO B 19 21.72 22.29 -0.60
C PRO B 19 22.67 21.11 -0.32
N ARG B 20 22.49 20.01 -1.06
CA ARG B 20 23.35 18.80 -0.94
C ARG B 20 24.66 19.03 -1.71
N ALA B 21 25.67 18.19 -1.45
CA ALA B 21 27.11 18.43 -1.70
C ALA B 21 27.39 18.82 -3.16
N ASP B 22 26.64 18.28 -4.11
CA ASP B 22 26.85 18.51 -5.58
C ASP B 22 26.56 19.98 -5.90
N THR B 23 25.57 20.59 -5.23
CA THR B 23 25.14 21.99 -5.44
C THR B 23 25.96 22.94 -4.55
N LEU B 24 26.43 22.46 -3.39
CA LEU B 24 27.37 23.21 -2.51
C LEU B 24 28.69 23.45 -3.25
N PHE B 25 29.32 22.37 -3.75
CA PHE B 25 30.60 22.43 -4.51
C PHE B 25 30.41 23.26 -5.78
N GLY B 26 29.26 23.10 -6.45
CA GLY B 26 28.88 23.86 -7.67
C GLY B 26 28.83 25.36 -7.40
N ALA B 27 28.44 25.77 -6.19
CA ALA B 27 28.36 27.17 -5.73
C ALA B 27 29.75 27.64 -5.28
N ILE B 28 30.45 26.82 -4.48
CA ILE B 28 31.84 27.08 -4.02
C ILE B 28 32.76 27.22 -5.24
N GLY B 29 32.54 26.41 -6.28
CA GLY B 29 33.28 26.43 -7.55
C GLY B 29 33.02 27.70 -8.34
N ASN B 30 31.75 28.07 -8.50
CA ASN B 30 31.29 29.28 -9.24
C ASN B 30 31.82 30.54 -8.55
N ALA B 31 31.85 30.55 -7.22
CA ALA B 31 32.37 31.70 -6.46
C ALA B 31 33.86 31.85 -6.76
N ILE B 32 34.57 30.72 -6.77
CA ILE B 32 36.03 30.71 -7.07
C ILE B 32 36.25 31.14 -8.53
N SER B 33 35.35 30.81 -9.44
CA SER B 33 35.60 31.27 -10.82
C SER B 33 35.61 32.81 -10.81
N ALA B 34 34.56 33.43 -10.26
CA ALA B 34 34.51 34.90 -10.27
C ALA B 34 35.64 35.49 -9.42
N ILE B 35 35.80 35.00 -8.19
CA ILE B 35 36.82 35.56 -7.26
C ILE B 35 38.28 35.32 -7.66
N HIS B 36 38.68 34.13 -8.12
CA HIS B 36 40.12 33.87 -8.41
C HIS B 36 40.38 33.42 -9.86
N GLY B 37 39.35 33.17 -10.66
CA GLY B 37 39.63 32.63 -11.99
C GLY B 37 39.64 31.11 -11.96
N GLN B 38 39.98 30.46 -13.07
CA GLN B 38 39.90 28.97 -13.13
C GLN B 38 41.10 28.30 -12.46
N SER B 39 42.30 28.82 -12.69
CA SER B 39 43.51 28.11 -12.18
C SER B 39 43.25 27.56 -10.78
N ALA B 40 42.45 28.27 -9.98
CA ALA B 40 42.13 27.95 -8.56
C ALA B 40 40.95 26.95 -8.49
N VAL B 41 40.16 26.82 -9.56
CA VAL B 41 39.06 25.82 -9.67
C VAL B 41 39.70 24.44 -9.95
N GLU B 42 40.62 24.39 -10.90
CA GLU B 42 41.42 23.17 -11.25
C GLU B 42 42.15 22.70 -9.98
N GLU B 43 42.64 23.65 -9.18
CA GLU B 43 43.35 23.39 -7.89
C GLU B 43 42.34 22.93 -6.82
N LEU B 44 41.15 23.53 -6.80
CA LEU B 44 40.05 23.16 -5.86
C LEU B 44 39.60 21.72 -6.15
N VAL B 45 39.44 21.37 -7.44
CA VAL B 45 39.10 19.99 -7.90
C VAL B 45 40.21 19.04 -7.45
N ASP B 46 41.47 19.35 -7.76
CA ASP B 46 42.66 18.51 -7.48
C ASP B 46 42.73 18.18 -5.98
N ALA B 47 42.53 19.18 -5.11
CA ALA B 47 42.53 19.04 -3.63
C ALA B 47 41.48 18.00 -3.20
N PHE B 48 40.35 17.95 -3.91
CA PHE B 48 39.18 17.09 -3.62
C PHE B 48 39.40 15.67 -4.16
N VAL B 49 39.96 15.57 -5.38
CA VAL B 49 40.44 14.28 -5.97
C VAL B 49 41.61 13.78 -5.11
N GLY B 50 42.35 14.70 -4.49
CA GLY B 50 43.53 14.43 -3.64
C GLY B 50 43.15 13.98 -2.23
N GLY B 51 41.85 13.96 -1.89
CA GLY B 51 41.35 13.34 -0.64
C GLY B 51 40.37 14.21 0.13
N ALA B 52 40.33 15.53 -0.13
CA ALA B 52 39.44 16.48 0.56
C ALA B 52 37.97 16.17 0.23
N ARG B 53 37.06 16.46 1.16
CA ARG B 53 35.62 16.10 1.07
C ARG B 53 34.76 17.17 1.76
N ILE B 54 33.59 17.47 1.20
CA ILE B 54 32.51 18.26 1.87
C ILE B 54 31.23 17.41 1.91
N SER B 55 30.56 17.39 3.07
CA SER B 55 29.24 16.72 3.27
C SER B 55 28.16 17.52 2.55
N SER B 56 26.98 16.92 2.38
CA SER B 56 25.72 17.63 2.05
C SER B 56 25.37 18.54 3.23
N ALA B 57 24.47 19.50 3.01
CA ALA B 57 23.95 20.42 4.04
C ALA B 57 22.90 19.68 4.89
N PHE B 58 22.98 19.85 6.21
CA PHE B 58 22.07 19.21 7.20
C PHE B 58 21.52 20.27 8.17
N PRO B 59 20.38 20.00 8.82
CA PRO B 59 19.73 20.95 9.73
C PRO B 59 20.51 21.39 10.98
N TYR B 60 20.35 22.67 11.33
CA TYR B 60 21.04 23.38 12.43
C TYR B 60 20.06 23.82 13.51
N SER B 61 20.26 23.41 14.76
CA SER B 61 19.39 23.90 15.87
C SER B 61 20.21 24.18 17.15
N GLY B 62 20.23 25.42 17.61
CA GLY B 62 20.97 25.76 18.83
C GLY B 62 22.34 25.09 18.81
N ASP B 63 22.59 24.24 19.81
CA ASP B 63 23.87 23.49 19.93
C ASP B 63 23.65 22.06 19.41
N THR B 64 22.54 21.81 18.72
CA THR B 64 22.27 20.44 18.22
C THR B 64 22.59 20.32 16.73
N TYR B 65 23.41 19.32 16.39
CA TYR B 65 23.79 18.97 14.99
C TYR B 65 23.03 17.70 14.57
N TYR B 66 22.30 17.77 13.46
CA TYR B 66 21.54 16.64 12.86
C TYR B 66 22.36 16.06 11.70
N LEU B 67 22.19 14.76 11.45
CA LEU B 67 22.90 13.99 10.38
C LEU B 67 21.91 13.04 9.72
N PRO B 68 22.20 12.53 8.50
CA PRO B 68 21.29 11.61 7.82
C PRO B 68 21.28 10.23 8.48
N LYS B 69 20.08 9.69 8.74
CA LYS B 69 19.86 8.29 9.20
C LYS B 69 20.60 7.36 8.25
N PRO B 70 21.60 6.58 8.71
CA PRO B 70 22.27 5.61 7.84
C PRO B 70 21.31 4.47 7.47
N LEU B 71 21.24 4.12 6.18
CA LEU B 71 20.29 3.11 5.63
C LEU B 71 20.60 1.72 6.21
N SER B 72 21.78 1.54 6.82
CA SER B 72 22.26 0.28 7.45
C SER B 72 21.30 -0.20 8.53
N VAL B 73 20.60 0.72 9.22
CA VAL B 73 19.66 0.39 10.33
C VAL B 73 18.40 -0.24 9.74
N GLU B 74 17.95 0.21 8.56
CA GLU B 74 16.63 -0.09 7.94
C GLU B 74 16.31 -1.59 8.02
N PRO B 75 17.19 -2.52 7.57
CA PRO B 75 16.90 -3.96 7.63
C PRO B 75 17.13 -4.56 9.03
N ALA B 76 17.87 -3.84 9.90
CA ALA B 76 18.30 -4.29 11.25
C ALA B 76 17.37 -3.72 12.33
N LEU B 77 16.21 -3.17 11.96
CA LEU B 77 15.17 -2.73 12.93
C LEU B 77 14.70 -3.95 13.74
N GLU B 78 14.72 -5.12 13.13
CA GLU B 78 14.29 -6.36 13.82
C GLU B 78 15.41 -6.82 14.77
N GLY B 79 16.37 -5.94 15.04
CA GLY B 79 17.49 -6.28 15.92
C GLY B 79 17.52 -5.37 17.13
N ILE B 80 17.09 -4.13 16.94
CA ILE B 80 17.06 -3.14 18.07
C ILE B 80 15.64 -3.09 18.63
N LEU B 81 15.03 -4.25 18.86
CA LEU B 81 13.65 -4.31 19.42
C LEU B 81 13.72 -4.87 20.84
N THR B 82 13.32 -6.13 21.01
CA THR B 82 13.37 -6.79 22.34
C THR B 82 12.64 -5.91 23.36
N GLU B 86 4.75 -6.02 19.76
CA GLU B 86 4.24 -5.89 18.37
C GLU B 86 3.90 -4.42 18.09
N GLU B 87 2.95 -3.86 18.84
CA GLU B 87 2.53 -2.45 18.65
C GLU B 87 3.72 -1.53 18.96
N GLU B 88 4.49 -1.85 20.01
CA GLU B 88 5.67 -1.04 20.40
C GLU B 88 6.83 -1.36 19.44
N ARG B 89 6.61 -2.29 18.51
CA ARG B 89 7.64 -2.70 17.52
C ARG B 89 7.14 -2.42 16.10
N TYR B 90 5.81 -2.37 15.89
CA TYR B 90 5.18 -2.02 14.59
C TYR B 90 5.29 -0.51 14.35
N THR B 91 4.82 0.29 15.32
CA THR B 91 4.66 1.76 15.20
C THR B 91 6.03 2.43 15.12
N THR B 92 6.90 2.22 16.11
CA THR B 92 8.26 2.83 16.19
C THR B 92 9.06 2.48 14.94
N ALA B 93 9.20 1.19 14.63
CA ALA B 93 9.93 0.66 13.45
C ALA B 93 9.53 1.42 12.17
N LYS B 94 8.25 1.81 12.05
CA LYS B 94 7.72 2.62 10.92
C LYS B 94 8.23 4.07 11.06
N ARG B 95 8.13 4.65 12.25
CA ARG B 95 8.54 6.07 12.50
C ARG B 95 10.07 6.17 12.49
N LEU B 96 10.77 5.06 12.75
CA LEU B 96 12.25 4.96 12.57
C LEU B 96 12.56 4.86 11.06
N ARG B 97 11.79 4.05 10.32
CA ARG B 97 11.92 3.85 8.85
C ARG B 97 11.73 5.18 8.12
N LYS B 98 10.77 6.01 8.58
CA LYS B 98 10.40 7.31 7.95
C LYS B 98 11.41 8.39 8.33
N ALA B 99 11.84 8.42 9.60
CA ALA B 99 12.82 9.39 10.15
C ALA B 99 13.96 9.58 9.14
N LYS B 100 14.22 10.82 8.73
CA LYS B 100 15.26 11.17 7.72
C LYS B 100 16.57 11.51 8.41
N TYR B 101 16.52 12.26 9.53
CA TYR B 101 17.69 12.79 10.25
C TYR B 101 17.75 12.23 11.69
N LEU B 102 18.96 12.24 12.27
CA LEU B 102 19.24 11.86 13.67
C LEU B 102 20.11 12.94 14.34
N ASP B 103 20.03 13.05 15.66
CA ASP B 103 20.98 13.82 16.51
C ASP B 103 22.35 13.14 16.43
N LEU B 104 23.44 13.89 16.64
CA LEU B 104 24.84 13.37 16.62
C LEU B 104 24.95 12.15 17.54
N LYS B 105 24.34 12.22 18.73
CA LYS B 105 24.35 11.16 19.78
C LYS B 105 23.70 9.89 19.22
N ASN B 106 22.49 10.01 18.68
CA ASN B 106 21.67 8.88 18.15
C ASN B 106 22.29 8.36 16.85
N PHE B 107 22.88 9.23 16.03
CA PHE B 107 23.56 8.89 14.76
C PHE B 107 24.77 7.99 15.06
N GLU B 108 25.55 8.34 16.09
CA GLU B 108 26.75 7.58 16.54
C GLU B 108 26.33 6.18 17.00
N LEU B 109 25.14 6.05 17.61
CA LEU B 109 24.55 4.76 18.03
C LEU B 109 24.12 3.95 16.80
N ALA B 110 23.44 4.59 15.84
CA ALA B 110 22.90 4.00 14.60
C ALA B 110 24.03 3.31 13.80
N LEU B 111 25.24 3.88 13.82
CA LEU B 111 26.42 3.34 13.12
C LEU B 111 26.83 1.99 13.72
N ARG B 112 26.61 1.82 15.04
CA ARG B 112 27.01 0.62 15.82
C ARG B 112 25.85 -0.37 15.97
N LEU B 113 24.69 -0.06 15.38
CA LEU B 113 23.43 -0.86 15.47
C LEU B 113 23.07 -1.06 16.94
N ARG B 114 23.20 -0.01 17.76
CA ARG B 114 22.72 0.04 19.17
C ARG B 114 21.34 0.68 19.19
N PRO B 115 20.53 0.49 20.26
CA PRO B 115 19.24 1.15 20.37
C PRO B 115 19.37 2.68 20.48
N PHE B 116 18.60 3.39 19.64
CA PHE B 116 18.60 4.88 19.51
C PHE B 116 17.16 5.38 19.40
N THR B 117 16.95 6.69 19.63
CA THR B 117 15.64 7.39 19.52
C THR B 117 15.73 8.44 18.41
N ILE B 118 14.63 9.16 18.16
CA ILE B 118 14.44 10.07 16.98
C ILE B 118 14.31 11.50 17.47
N PRO B 119 14.77 12.51 16.70
CA PRO B 119 14.44 13.91 16.96
C PRO B 119 12.92 14.15 16.88
N GLU B 120 12.34 14.67 17.96
CA GLU B 120 10.87 14.89 18.11
C GLU B 120 10.41 15.97 17.13
N GLU B 121 11.03 17.16 17.19
CA GLU B 121 10.77 18.30 16.28
C GLU B 121 12.05 18.64 15.51
N ILE B 122 12.01 18.56 14.18
CA ILE B 122 13.14 18.92 13.27
C ILE B 122 13.04 20.42 13.00
N PRO B 123 14.12 21.21 13.15
CA PRO B 123 14.01 22.65 13.34
C PRO B 123 13.87 23.49 12.05
N TYR B 124 13.29 22.90 10.99
CA TYR B 124 12.97 23.60 9.71
C TYR B 124 11.57 23.16 9.24
N ALA B 125 10.91 24.01 8.47
CA ALA B 125 9.53 23.80 7.96
C ALA B 125 9.42 24.27 6.50
N ARG B 126 9.05 23.36 5.60
CA ARG B 126 8.84 23.64 4.15
C ARG B 126 7.47 24.31 3.95
N VAL B 127 7.43 25.64 3.98
CA VAL B 127 6.25 26.48 3.64
C VAL B 127 6.18 26.61 2.11
N ASP B 128 5.01 26.29 1.52
CA ASP B 128 4.76 26.40 0.06
C ASP B 128 3.72 27.52 -0.18
N VAL B 129 4.20 28.74 -0.40
CA VAL B 129 3.37 29.97 -0.62
C VAL B 129 2.84 29.95 -2.06
N PRO B 130 1.51 30.08 -2.27
CA PRO B 130 0.94 30.15 -3.62
C PRO B 130 0.92 31.57 -4.21
N ARG B 131 0.97 31.68 -5.54
CA ARG B 131 0.89 32.96 -6.30
C ARG B 131 0.16 32.72 -7.63
N PHE B 145 3.24 27.78 -8.19
CA PHE B 145 3.82 28.38 -6.95
C PHE B 145 5.09 27.61 -6.55
N TRP B 146 5.74 28.04 -5.46
CA TRP B 146 6.97 27.40 -4.92
C TRP B 146 7.08 27.61 -3.40
N GLU B 147 8.14 27.04 -2.80
CA GLU B 147 8.31 26.92 -1.33
C GLU B 147 9.66 27.51 -0.89
N GLU B 148 9.73 27.91 0.39
CA GLU B 148 10.96 28.32 1.12
C GLU B 148 11.18 27.36 2.29
N ILE B 149 12.16 27.64 3.15
CA ILE B 149 12.44 26.88 4.40
C ILE B 149 12.52 27.87 5.57
N ARG B 150 11.50 27.85 6.44
CA ARG B 150 11.43 28.67 7.68
C ARG B 150 12.25 27.98 8.78
N PHE B 151 13.27 28.67 9.30
CA PHE B 151 14.19 28.16 10.35
C PHE B 151 13.74 28.66 11.73
N ARG B 152 13.97 27.83 12.76
CA ARG B 152 13.71 28.17 14.18
C ARG B 152 14.80 29.14 14.66
N GLU B 153 14.66 29.65 15.89
CA GLU B 153 15.61 30.65 16.48
C GLU B 153 16.92 29.96 16.85
N LYS B 154 18.05 30.51 16.40
CA LYS B 154 19.41 29.94 16.50
C LYS B 154 19.46 28.58 15.78
N SER B 155 18.59 28.37 14.79
CA SER B 155 18.52 27.15 13.94
C SER B 155 18.85 27.51 12.50
N GLY B 156 19.64 26.67 11.83
CA GLY B 156 20.11 26.89 10.45
C GLY B 156 20.54 25.60 9.79
N VAL B 157 21.52 25.69 8.88
CA VAL B 157 22.06 24.54 8.09
C VAL B 157 23.59 24.58 8.20
N TYR B 158 24.23 23.40 8.22
CA TYR B 158 25.70 23.22 8.24
C TYR B 158 26.09 22.12 7.25
N PHE B 159 27.36 22.13 6.82
CA PHE B 159 28.02 21.02 6.09
C PHE B 159 29.44 20.85 6.66
N LEU B 160 29.97 19.63 6.61
CA LEU B 160 31.30 19.26 7.12
C LEU B 160 32.34 19.42 6.01
N TYR B 161 33.58 19.74 6.37
CA TYR B 161 34.77 19.66 5.50
C TYR B 161 35.82 18.76 6.16
N SER B 162 36.38 17.82 5.40
CA SER B 162 37.54 16.97 5.80
C SER B 162 38.67 17.20 4.80
N GLY B 163 39.91 17.23 5.29
CA GLY B 163 41.13 17.42 4.47
C GLY B 163 42.03 18.53 5.01
N PRO B 164 43.05 18.97 4.25
CA PRO B 164 44.05 19.92 4.74
C PRO B 164 43.48 21.30 5.11
N ARG B 165 44.16 22.02 6.01
CA ARG B 165 43.77 23.36 6.52
C ARG B 165 44.03 24.41 5.42
N GLU B 166 45.16 24.28 4.70
CA GLU B 166 45.59 25.25 3.65
C GLU B 166 44.49 25.40 2.59
N VAL B 167 43.70 24.34 2.35
CA VAL B 167 42.66 24.28 1.29
C VAL B 167 41.37 24.94 1.80
N PHE B 168 41.06 24.81 3.10
CA PHE B 168 39.86 25.41 3.74
C PHE B 168 40.04 26.94 3.80
N ASP B 169 41.13 27.40 4.43
CA ASP B 169 41.51 28.83 4.53
C ASP B 169 41.74 29.41 3.12
N GLY B 170 42.26 28.60 2.21
CA GLY B 170 42.68 29.03 0.85
C GLY B 170 41.53 29.15 -0.12
N TYR B 171 40.58 28.21 -0.11
CA TYR B 171 39.55 28.03 -1.17
C TYR B 171 38.13 28.09 -0.59
N ILE B 172 37.77 27.19 0.33
CA ILE B 172 36.37 26.99 0.81
C ILE B 172 35.91 28.22 1.60
N ALA B 173 36.66 28.62 2.63
CA ALA B 173 36.27 29.71 3.58
C ALA B 173 36.15 31.05 2.84
N PRO B 174 37.11 31.43 1.97
CA PRO B 174 36.95 32.62 1.13
C PRO B 174 35.70 32.57 0.23
N ALA B 175 35.39 31.40 -0.31
CA ALA B 175 34.24 31.15 -1.22
C ALA B 175 32.92 31.29 -0.46
N MET B 176 32.85 30.76 0.78
CA MET B 176 31.62 30.73 1.60
C MET B 176 31.30 32.14 2.12
N ARG B 177 32.32 32.90 2.55
CA ARG B 177 32.05 34.27 3.02
C ARG B 177 31.49 35.06 1.84
N PHE B 178 32.13 34.90 0.68
CA PHE B 178 31.74 35.62 -0.56
C PHE B 178 30.31 35.24 -0.93
N LEU B 179 29.97 33.96 -0.80
CA LEU B 179 28.58 33.52 -1.09
C LEU B 179 27.63 34.19 -0.11
N GLY B 180 28.02 34.27 1.17
CA GLY B 180 27.13 34.88 2.17
C GLY B 180 26.89 36.36 1.95
N ASP B 181 27.96 37.13 1.70
CA ASP B 181 27.92 38.61 1.50
C ASP B 181 26.89 39.26 2.43
N LEU B 194 22.31 35.85 1.70
CA LEU B 194 21.13 35.22 2.35
C LEU B 194 21.53 34.50 3.65
N PHE B 195 22.80 34.56 4.08
CA PHE B 195 23.30 33.88 5.30
C PHE B 195 24.67 34.45 5.70
N GLU B 196 25.01 34.34 6.99
CA GLU B 196 26.35 34.60 7.56
C GLU B 196 27.01 33.25 7.87
N VAL B 197 28.31 33.25 8.16
CA VAL B 197 29.14 32.00 8.28
C VAL B 197 30.01 32.07 9.53
N GLU B 198 29.99 31.00 10.33
CA GLU B 198 31.03 30.65 11.34
C GLU B 198 31.30 29.14 11.22
N PHE B 199 32.44 28.68 11.74
CA PHE B 199 32.86 27.25 11.69
C PHE B 199 33.43 26.82 13.05
N HIS B 200 33.21 25.55 13.40
CA HIS B 200 33.69 24.88 14.64
C HIS B 200 34.39 23.57 14.29
N GLU B 201 35.14 23.02 15.24
CA GLU B 201 35.59 21.60 15.24
C GLU B 201 34.39 20.73 15.62
N MET B 202 34.32 19.49 15.14
CA MET B 202 33.21 18.55 15.40
C MET B 202 33.71 17.11 15.29
N LYS B 203 33.67 16.35 16.39
CA LYS B 203 34.05 14.92 16.45
C LYS B 203 32.82 14.06 16.19
N ILE B 204 32.95 13.06 15.32
CA ILE B 204 31.94 11.97 15.11
C ILE B 204 32.61 10.64 15.46
N ASP B 205 32.24 10.06 16.60
CA ASP B 205 32.72 8.72 17.04
C ASP B 205 32.04 7.67 16.16
N ALA B 206 32.71 7.26 15.07
CA ALA B 206 32.23 6.25 14.10
C ALA B 206 33.05 4.97 14.27
N PRO B 207 32.42 3.78 14.20
CA PRO B 207 33.13 2.51 14.34
C PRO B 207 34.11 2.26 13.18
N GLY B 208 35.16 1.47 13.43
CA GLY B 208 36.05 0.93 12.40
C GLY B 208 35.36 -0.20 11.65
N SER B 209 35.29 -0.11 10.32
CA SER B 209 34.54 -1.06 9.45
C SER B 209 35.02 -0.98 8.00
N GLU B 210 34.83 -2.07 7.25
CA GLU B 210 35.07 -2.16 5.79
C GLU B 210 34.04 -1.27 5.07
N TYR B 211 32.84 -1.15 5.67
CA TYR B 211 31.67 -0.41 5.13
C TYR B 211 31.61 0.99 5.75
N SER B 212 31.15 1.98 4.99
CA SER B 212 31.02 3.40 5.40
C SER B 212 29.68 3.99 4.93
N VAL B 213 29.17 4.98 5.65
CA VAL B 213 27.99 5.82 5.27
C VAL B 213 28.53 7.06 4.54
N THR B 214 27.84 7.51 3.48
CA THR B 214 28.09 8.80 2.80
C THR B 214 27.22 9.89 3.43
N LEU B 215 27.84 10.96 3.92
CA LEU B 215 27.16 12.22 4.33
C LEU B 215 27.12 13.19 3.15
N SER B 216 27.30 12.68 1.93
CA SER B 216 27.20 13.44 0.66
C SER B 216 26.54 12.58 -0.42
N ASN B 217 25.62 13.14 -1.19
CA ASN B 217 25.09 12.50 -2.42
C ASN B 217 26.28 12.22 -3.35
N ALA B 218 26.44 10.99 -3.82
CA ALA B 218 27.66 10.49 -4.50
C ALA B 218 27.34 9.81 -5.82
N LEU B 219 28.27 9.88 -6.77
CA LEU B 219 28.30 9.11 -8.04
C LEU B 219 29.21 7.90 -7.83
N PRO B 220 28.66 6.69 -7.59
CA PRO B 220 29.49 5.54 -7.22
C PRO B 220 30.29 4.95 -8.40
N THR B 221 31.40 4.28 -8.08
CA THR B 221 32.33 3.63 -9.05
C THR B 221 32.10 2.11 -9.03
N LYS B 222 31.94 1.54 -7.83
CA LYS B 222 31.51 0.13 -7.61
C LYS B 222 29.98 0.09 -7.65
N THR B 223 29.38 -1.03 -7.21
CA THR B 223 27.95 -1.13 -6.85
C THR B 223 27.85 -1.08 -5.33
N PRO B 224 27.03 -0.16 -4.75
CA PRO B 224 26.99 0.01 -3.29
C PRO B 224 26.29 -1.15 -2.58
N VAL B 225 26.17 -1.06 -1.25
CA VAL B 225 25.62 -2.13 -0.35
C VAL B 225 24.12 -1.90 -0.19
N LEU B 226 23.73 -0.81 0.49
CA LEU B 226 22.33 -0.33 0.64
C LEU B 226 22.27 1.11 0.12
N TRP B 227 21.18 1.49 -0.56
CA TRP B 227 21.05 2.84 -1.16
C TRP B 227 19.61 3.20 -1.50
N ARG B 228 19.34 4.51 -1.59
CA ARG B 228 18.19 5.12 -2.30
C ARG B 228 18.75 5.96 -3.44
N LEU B 229 18.18 5.85 -4.65
CA LEU B 229 18.60 6.62 -5.85
C LEU B 229 18.05 8.05 -5.75
N LEU B 230 18.75 8.99 -6.39
CA LEU B 230 18.47 10.45 -6.32
C LEU B 230 18.65 11.04 -7.73
N ARG B 231 17.54 11.43 -8.38
CA ARG B 231 17.50 11.84 -9.81
C ARG B 231 17.74 13.35 -9.92
N LYS B 232 18.69 13.75 -10.77
CA LYS B 232 19.02 15.17 -11.09
C LYS B 232 19.41 15.27 -12.57
N ARG B 243 21.56 14.92 -17.00
CA ARG B 243 20.86 14.29 -15.85
C ARG B 243 21.73 13.19 -15.23
N MET B 244 22.09 13.34 -13.96
CA MET B 244 22.90 12.37 -13.17
C MET B 244 21.96 11.52 -12.32
N THR B 245 22.35 10.27 -12.03
CA THR B 245 21.74 9.41 -10.98
C THR B 245 22.75 9.29 -9.82
N PHE B 246 22.47 9.97 -8.71
CA PHE B 246 23.29 9.98 -7.47
C PHE B 246 22.79 8.89 -6.52
N ILE B 247 23.69 8.40 -5.67
CA ILE B 247 23.37 7.66 -4.42
C ILE B 247 23.04 8.71 -3.35
N ALA B 248 21.93 8.55 -2.64
CA ALA B 248 21.44 9.50 -1.61
C ALA B 248 22.40 9.53 -0.41
N GLU B 249 22.34 10.62 0.37
CA GLU B 249 23.00 10.73 1.70
C GLU B 249 22.46 9.61 2.59
N GLY B 250 23.34 8.92 3.33
CA GLY B 250 22.98 7.83 4.25
C GLY B 250 23.15 6.45 3.63
N SER B 251 23.45 6.38 2.33
CA SER B 251 23.67 5.12 1.59
C SER B 251 24.99 4.49 2.01
N ILE B 252 25.08 3.15 1.97
CA ILE B 252 26.23 2.35 2.47
C ILE B 252 27.09 1.92 1.27
N VAL B 253 28.42 2.00 1.44
CA VAL B 253 29.44 1.71 0.38
C VAL B 253 30.60 0.94 1.02
N LYS B 254 31.28 0.08 0.24
CA LYS B 254 32.47 -0.67 0.66
C LYS B 254 33.70 -0.15 -0.11
N ASN B 255 34.39 0.84 0.46
CA ASN B 255 35.61 1.48 -0.10
C ASN B 255 35.29 2.07 -1.47
N ASP B 256 34.30 2.97 -1.52
CA ASP B 256 33.93 3.75 -2.73
C ASP B 256 34.24 5.22 -2.45
N PRO B 257 35.23 5.82 -3.15
CA PRO B 257 35.53 7.24 -2.98
C PRO B 257 34.54 8.15 -3.72
N GLY B 258 33.63 7.55 -4.50
CA GLY B 258 32.81 8.26 -5.50
C GLY B 258 33.67 8.72 -6.65
N GLY B 259 33.28 9.81 -7.32
CA GLY B 259 34.02 10.38 -8.45
C GLY B 259 33.40 11.68 -8.92
N MET B 260 34.23 12.55 -9.52
CA MET B 260 33.79 13.82 -10.15
C MET B 260 33.70 13.61 -11.66
N GLU B 261 32.86 14.39 -12.34
CA GLU B 261 32.61 14.27 -13.81
C GLU B 261 32.77 15.63 -14.47
N ARG B 262 33.60 15.70 -15.51
CA ARG B 262 33.82 16.91 -16.37
C ARG B 262 33.04 16.73 -17.67
N LEU B 263 32.33 17.78 -18.10
CA LEU B 263 31.44 17.77 -19.30
C LEU B 263 31.38 19.17 -19.90
N GLU B 264 30.84 19.29 -21.14
CA GLU B 264 30.75 20.55 -21.92
C GLU B 264 29.28 20.93 -22.13
N LEU B 265 28.93 22.19 -21.89
CA LEU B 265 27.58 22.77 -22.12
C LEU B 265 27.71 24.15 -22.76
N GLU B 270 34.85 24.62 -18.82
CA GLU B 270 34.13 23.35 -18.55
C GLU B 270 33.72 23.29 -17.07
N VAL B 271 32.65 22.56 -16.77
CA VAL B 271 32.04 22.46 -15.40
C VAL B 271 32.27 21.04 -14.85
N TYR B 272 32.50 20.95 -13.53
CA TYR B 272 32.73 19.68 -12.78
C TYR B 272 31.54 19.42 -11.86
N VAL B 273 31.02 18.19 -11.86
CA VAL B 273 29.89 17.74 -10.99
C VAL B 273 30.48 16.91 -9.84
N TYR B 274 30.31 17.39 -8.61
CA TYR B 274 30.84 16.76 -7.36
C TYR B 274 29.97 15.54 -7.01
N GLY B 275 30.59 14.36 -7.02
CA GLY B 275 29.94 13.08 -6.66
C GLY B 275 30.82 12.21 -5.77
N LEU B 276 31.74 12.82 -5.02
CA LEU B 276 32.65 12.10 -4.10
C LEU B 276 31.88 11.71 -2.85
N THR B 277 32.29 10.60 -2.21
CA THR B 277 31.73 10.08 -0.93
C THR B 277 32.35 10.83 0.25
N PHE B 278 31.57 11.08 1.30
CA PHE B 278 32.01 11.60 2.61
C PHE B 278 31.91 10.45 3.62
N PRO B 279 32.83 9.46 3.57
CA PRO B 279 32.62 8.18 4.25
C PRO B 279 32.90 8.20 5.76
N LEU B 280 31.95 7.67 6.54
CA LEU B 280 32.11 7.32 7.98
C LEU B 280 31.81 5.83 8.15
N GLY B 281 32.70 5.09 8.81
CA GLY B 281 32.56 3.64 9.07
C GLY B 281 31.20 3.32 9.70
N VAL B 282 30.59 2.21 9.29
CA VAL B 282 29.26 1.74 9.77
C VAL B 282 29.30 0.22 9.97
N GLU B 283 28.60 -0.28 11.00
CA GLU B 283 28.41 -1.73 11.27
C GLU B 283 27.11 -2.18 10.59
N LEU B 284 27.20 -3.21 9.74
CA LEU B 284 26.04 -3.82 9.02
C LEU B 284 25.54 -5.04 9.78
N PRO B 285 24.22 -5.34 9.72
CA PRO B 285 23.71 -6.61 10.23
C PRO B 285 24.06 -7.77 9.28
N GLU B 286 23.87 -9.01 9.73
CA GLU B 286 24.12 -10.22 8.90
C GLU B 286 22.90 -10.46 8.01
N GLY B 287 23.07 -10.28 6.69
CA GLY B 287 22.00 -10.42 5.68
C GLY B 287 22.46 -9.95 4.31
#